data_9HIV
#
_entry.id   9HIV
#
_cell.length_a   1.00
_cell.length_b   1.00
_cell.length_c   1.00
_cell.angle_alpha   90.00
_cell.angle_beta   90.00
_cell.angle_gamma   90.00
#
_symmetry.space_group_name_H-M   'P 1'
#
loop_
_entity.id
_entity.type
_entity.pdbx_description
1 polymer 'Outer membrane protein'
2 polymer 'Lipoprotein protein, putative'
3 polymer 'Outer membrane protein'
#
loop_
_entity_poly.entity_id
_entity_poly.type
_entity_poly.pdbx_seq_one_letter_code
_entity_poly.pdbx_strand_id
1 'polypeptide(L)'
;MHYRISFIFVTFICLFCFAATGFTQNTNHHHHHHHTDEDSKPVILYSGTPKKYEIADIKVEGVKNYEDYVLIGLSGLSVG
QTITVPGDEITGAIKRYWKHGLFSNVQITAEKIEGNKIWLKISLTQRPRIADVRYHGVKKSERTDFESKLGMVKGMQITP
NTVDRAKTLIKRYFDDKGFKNAEVIIAQKDDPSNENQVIVDIDIDKKEKIKVHAIHITGNSAIKTSKLKKVMKKTNEKGK
LLNLFRTKKFVPENFEADKQLIIDKYNELGYRDAMIVKDSVAQYDEKTVDVYMDIDEGQKYYLRNVTWVGNTLYPSEQLN
FLLRMKKGDVYNQKLLGERTSTDDDAIGNLYYNNGYLFYNLDPVEVNIVGDSIDLEMRIYEGRQATINKINISGNDRLYE
NVVRRELRIRPGQLFSKDDLMRSLREIQQMGHFDPEKLQPDIQPDPVNGTVDIGLPLTSKANDQVEFSAGWGQTGIIGKL
SLKFTNFSVANLLRPGENYRGILPQGDGQTLTISGQTNAKYYQSYSISFFDPWFGGKRPNSLSVSAFFSVQTDISSRYYN
SSYFNNYYNSMYSGYGGYGMYNYGNYNNYENYYDPDKSIKMWGLSLGWGKRLKWPDDYFTLSAELAYQRYNLKDWQYFPV
TNGKCNDLSLSLTLARNSIDNPIFPRTGSDFSLSVQLTPPYSLFDGKDYKGYFYDPTDDRGITQDNMNKLHRWVEYHKWK
FKAKTYTPLMDYIAHPKCLVLMTRTEFGLLGHYNKYKKSPFGTFDVGGDGMTGYSSYATESIALRGYENSSLTPYGKEGY
AYARLGIELRYPLMLETSTNIYVLGFLEAGNAWHDISKFNPFDLKRSAGIGVRIFLPMIGMMGIDWGYGFDKINGSKEYG
GSQFHFILGQEF
;
A
2 'polypeptide(L)'
;MKKNIIITLLAAASLTSCGEYNKLLKSTDYEYKYEAAKNYFAKGQYNRSATLLNELITILKGTDKAEESLYMLGMSYYNQ
KDYQTAAQTFITYFNTYPRGTFTELARFHAGKSLFLDTPEPRLDQSSTYQAIQQLQMFMEYFPNSTKKQEAQDMIFALQD
KLVLKELYSAKLYYNLGNYLGNNYESCVITAQNALKDYPYTDYREELSILILRARHEMAIYSVEDKKMDRYRETIDEYYA
FKNEFPESKYLKEAEKIFNESQKVIKD
;
D
3 'polypeptide(L)'
;MVGFKHTIWALLLMMVTGTAIAQNNTNSPYTRYGYGDLSDQSFGNSKAMGGIAFGLRDGAQINPTNPASYTAIDSLTFLF
EGGVSLQNMNISGGGLKLNAKNASFDYLAMQFRLAPWMAMSVGLLPYSNVGYTVSDSQTTDNGLAYSRSFTGDGGLHQMY
VGAGVKVLKNLSVGVNASYFWGDITRTRGMFYPGTSSYDSYQRKMVTSISDYKLDFGAQYTQALNKKSSLTIGAVYSPKH
KLNNDYTSIVIMGASSSSYGTEYKDVLDATFELPNTFGVGFTYNYDKRLTVGADYSLQQWSKTNFGVVTSDENVRQDFNE
TFTYCDRTKISVGAEYIPNLIGRSYFAHIKYRLGAYYTTPYYKIDGKKASREYGVTAGFGLPVPRSRSILSISGQFVRVK
GLETNMVNENIFRVSIGLTFNERWFFKRRVE
;
F
#
# COMPACT_ATOMS: atom_id res chain seq x y z
N GLY A 298 -12.23 -24.39 -46.45
CA GLY A 298 -13.61 -24.84 -46.51
C GLY A 298 -14.21 -25.13 -45.16
N GLN A 299 -15.15 -24.29 -44.73
CA GLN A 299 -15.72 -24.40 -43.40
C GLN A 299 -17.11 -23.77 -43.39
N LYS A 300 -17.88 -24.10 -42.34
CA LYS A 300 -19.20 -23.55 -42.12
C LYS A 300 -19.08 -22.21 -41.39
N TYR A 301 -20.22 -21.52 -41.20
CA TYR A 301 -20.16 -20.19 -40.60
C TYR A 301 -21.30 -19.83 -39.66
N TYR A 302 -22.17 -20.76 -39.26
CA TYR A 302 -23.34 -20.43 -38.45
C TYR A 302 -23.36 -21.31 -37.20
N LEU A 303 -23.42 -20.68 -36.03
CA LEU A 303 -23.56 -21.40 -34.76
C LEU A 303 -25.04 -21.69 -34.52
N ARG A 304 -25.43 -22.96 -34.65
CA ARG A 304 -26.84 -23.31 -34.62
C ARG A 304 -27.29 -23.77 -33.23
N ASN A 305 -26.46 -24.53 -32.50
CA ASN A 305 -26.73 -24.90 -31.12
C ASN A 305 -25.42 -25.19 -30.39
N VAL A 306 -25.48 -25.19 -29.06
CA VAL A 306 -24.37 -25.58 -28.20
C VAL A 306 -24.90 -26.51 -27.10
N THR A 307 -24.03 -27.39 -26.62
CA THR A 307 -24.44 -28.49 -25.75
C THR A 307 -23.29 -28.86 -24.82
N TRP A 308 -23.62 -29.52 -23.70
CA TRP A 308 -22.64 -29.91 -22.70
C TRP A 308 -22.85 -31.36 -22.29
N VAL A 309 -21.76 -32.08 -22.05
CA VAL A 309 -21.81 -33.45 -21.53
C VAL A 309 -20.58 -33.70 -20.68
N GLY A 310 -20.79 -34.39 -19.55
CA GLY A 310 -19.73 -34.75 -18.64
C GLY A 310 -19.63 -33.89 -17.39
N ASN A 311 -20.28 -32.74 -17.37
CA ASN A 311 -20.19 -31.83 -16.24
C ASN A 311 -21.00 -32.31 -15.04
N THR A 312 -20.44 -32.12 -13.84
CA THR A 312 -21.21 -32.27 -12.61
C THR A 312 -20.97 -31.09 -11.66
N LEU A 313 -19.76 -30.53 -11.70
CA LEU A 313 -19.33 -29.61 -10.64
C LEU A 313 -19.91 -28.21 -10.80
N TYR A 314 -20.24 -27.79 -12.02
CA TYR A 314 -20.72 -26.43 -12.25
C TYR A 314 -22.00 -26.45 -13.10
N PRO A 315 -22.87 -25.45 -12.90
CA PRO A 315 -24.18 -25.48 -13.57
C PRO A 315 -24.09 -25.16 -15.05
N SER A 316 -24.87 -25.88 -15.86
CA SER A 316 -24.75 -25.81 -17.31
C SER A 316 -25.02 -24.41 -17.84
N GLU A 317 -25.97 -23.69 -17.25
CA GLU A 317 -26.27 -22.34 -17.72
C GLU A 317 -25.14 -21.37 -17.39
N GLN A 318 -24.49 -21.56 -16.24
CA GLN A 318 -23.32 -20.74 -15.91
C GLN A 318 -22.19 -20.98 -16.90
N LEU A 319 -22.00 -22.22 -17.35
CA LEU A 319 -21.00 -22.47 -18.38
C LEU A 319 -21.44 -21.95 -19.74
N ASN A 320 -22.75 -21.90 -20.01
CA ASN A 320 -23.22 -21.21 -21.21
C ASN A 320 -22.80 -19.74 -21.16
N PHE A 321 -22.97 -19.11 -19.99
CA PHE A 321 -22.57 -17.72 -19.83
C PHE A 321 -21.06 -17.55 -19.96
N LEU A 322 -20.29 -18.40 -19.29
CA LEU A 322 -18.84 -18.29 -19.30
C LEU A 322 -18.24 -18.64 -20.66
N LEU A 323 -18.93 -19.44 -21.46
CA LEU A 323 -18.50 -19.69 -22.83
C LEU A 323 -18.84 -18.52 -23.75
N ARG A 324 -19.75 -17.65 -23.32
CA ARG A 324 -20.14 -16.43 -24.03
C ARG A 324 -20.56 -16.73 -25.47
N MET A 325 -21.54 -17.62 -25.58
CA MET A 325 -22.14 -17.98 -26.86
C MET A 325 -23.66 -17.99 -26.81
N LYS A 326 -24.23 -17.88 -28.00
CA LYS A 326 -25.67 -17.95 -28.18
C LYS A 326 -25.95 -18.45 -29.59
N LYS A 327 -27.09 -19.13 -29.73
CA LYS A 327 -27.50 -19.67 -31.02
C LYS A 327 -27.83 -18.53 -31.99
N GLY A 328 -27.36 -18.66 -33.22
CA GLY A 328 -27.54 -17.62 -34.23
C GLY A 328 -26.41 -16.62 -34.26
N ASP A 329 -25.17 -17.11 -34.33
CA ASP A 329 -23.99 -16.27 -34.26
C ASP A 329 -22.92 -16.89 -35.14
N VAL A 330 -21.88 -16.11 -35.47
CA VAL A 330 -20.87 -16.57 -36.44
C VAL A 330 -20.09 -17.74 -35.88
N TYR A 331 -19.97 -18.81 -36.67
CA TYR A 331 -19.18 -19.97 -36.24
C TYR A 331 -17.70 -19.65 -36.42
N ASN A 332 -16.93 -19.88 -35.37
CA ASN A 332 -15.48 -19.68 -35.36
C ASN A 332 -14.86 -20.85 -34.61
N GLN A 333 -13.59 -20.72 -34.25
CA GLN A 333 -12.95 -21.77 -33.44
C GLN A 333 -12.30 -21.24 -32.15
N LYS A 334 -11.44 -20.23 -32.28
CA LYS A 334 -10.87 -19.62 -31.08
C LYS A 334 -11.98 -19.11 -30.19
N LEU A 335 -13.00 -18.51 -30.80
CA LEU A 335 -14.20 -18.05 -30.11
C LEU A 335 -14.67 -19.05 -29.07
N LEU A 336 -14.60 -20.33 -29.42
CA LEU A 336 -14.78 -21.42 -28.45
C LEU A 336 -13.50 -21.72 -27.68
N GLY A 337 -12.44 -22.11 -28.39
CA GLY A 337 -11.19 -22.50 -27.79
C GLY A 337 -10.61 -21.50 -26.82
N GLU A 338 -10.38 -20.26 -27.28
CA GLU A 338 -9.77 -19.26 -26.42
C GLU A 338 -10.60 -19.10 -25.15
N ARG A 339 -11.90 -19.31 -25.25
CA ARG A 339 -12.79 -19.23 -24.11
C ARG A 339 -12.96 -20.54 -23.38
N THR A 340 -12.27 -21.59 -23.82
CA THR A 340 -12.37 -22.87 -23.14
C THR A 340 -11.00 -23.44 -22.74
N SER A 341 -9.90 -22.97 -23.34
CA SER A 341 -8.59 -23.53 -23.03
C SER A 341 -7.44 -22.53 -22.90
N THR A 342 -7.66 -21.23 -23.09
CA THR A 342 -6.53 -20.30 -22.96
C THR A 342 -6.74 -19.22 -21.92
N ASP A 343 -7.95 -18.65 -21.83
CA ASP A 343 -8.15 -17.45 -21.02
C ASP A 343 -8.39 -17.81 -19.56
N ASP A 344 -8.21 -16.81 -18.69
CA ASP A 344 -8.23 -17.02 -17.25
C ASP A 344 -9.63 -17.26 -16.69
N ASP A 345 -10.68 -16.97 -17.46
CA ASP A 345 -12.04 -17.32 -17.06
C ASP A 345 -12.61 -18.47 -17.89
N ALA A 346 -11.76 -19.18 -18.64
CA ALA A 346 -12.21 -20.29 -19.46
C ALA A 346 -12.57 -21.49 -18.58
N ILE A 347 -13.39 -22.38 -19.15
CA ILE A 347 -13.92 -23.51 -18.40
C ILE A 347 -12.80 -24.44 -17.96
N GLY A 348 -11.84 -24.69 -18.85
CA GLY A 348 -10.71 -25.54 -18.50
C GLY A 348 -9.93 -25.02 -17.31
N ASN A 349 -9.68 -23.70 -17.28
CA ASN A 349 -9.05 -23.10 -16.11
C ASN A 349 -9.98 -23.13 -14.90
N LEU A 350 -11.29 -23.06 -15.13
CA LEU A 350 -12.22 -23.10 -14.01
C LEU A 350 -12.14 -24.46 -13.32
N TYR A 351 -11.82 -25.52 -14.06
CA TYR A 351 -11.54 -26.80 -13.41
C TYR A 351 -10.11 -26.87 -12.87
N TYR A 352 -9.13 -26.42 -13.65
CA TYR A 352 -7.73 -26.61 -13.30
C TYR A 352 -7.38 -25.88 -12.00
N ASN A 353 -7.80 -24.62 -11.89
CA ASN A 353 -7.45 -23.80 -10.74
C ASN A 353 -8.11 -24.28 -9.45
N ASN A 354 -9.16 -25.09 -9.56
CA ASN A 354 -9.86 -25.62 -8.39
C ASN A 354 -9.35 -26.99 -7.97
N GLY A 355 -8.15 -27.37 -8.42
CA GLY A 355 -7.53 -28.61 -8.01
C GLY A 355 -7.87 -29.83 -8.84
N TYR A 356 -8.81 -29.71 -9.77
CA TYR A 356 -9.15 -30.81 -10.68
C TYR A 356 -8.23 -30.69 -11.88
N LEU A 357 -7.04 -31.29 -11.77
CA LEU A 357 -6.05 -31.24 -12.83
C LEU A 357 -6.13 -32.43 -13.76
N PHE A 358 -6.82 -33.49 -13.35
CA PHE A 358 -7.00 -34.69 -14.17
C PHE A 358 -8.26 -34.49 -15.01
N TYR A 359 -8.11 -33.70 -16.06
CA TYR A 359 -9.25 -33.35 -16.92
C TYR A 359 -8.78 -33.27 -18.37
N ASN A 360 -9.73 -33.43 -19.29
CA ASN A 360 -9.55 -33.15 -20.70
C ASN A 360 -10.87 -32.66 -21.27
N LEU A 361 -10.82 -32.20 -22.52
CA LEU A 361 -11.94 -31.50 -23.12
C LEU A 361 -11.85 -31.60 -24.64
N ASP A 362 -13.02 -31.57 -25.30
CA ASP A 362 -13.11 -31.79 -26.74
C ASP A 362 -14.38 -31.17 -27.34
N PRO A 363 -14.24 -30.18 -28.23
CA PRO A 363 -15.40 -29.69 -28.98
C PRO A 363 -15.88 -30.63 -30.08
N VAL A 364 -17.03 -31.26 -29.88
CA VAL A 364 -17.60 -32.16 -30.86
C VAL A 364 -18.49 -31.37 -31.82
N GLU A 365 -18.30 -31.58 -33.12
CA GLU A 365 -19.08 -30.93 -34.15
C GLU A 365 -20.01 -31.95 -34.80
N VAL A 366 -21.30 -31.60 -34.89
CA VAL A 366 -22.31 -32.45 -35.51
C VAL A 366 -23.26 -31.58 -36.31
N ASN A 367 -24.08 -32.23 -37.15
CA ASN A 367 -25.06 -31.56 -37.99
C ASN A 367 -24.39 -30.50 -38.86
N ILE A 368 -23.35 -30.91 -39.58
CA ILE A 368 -22.55 -29.98 -40.38
C ILE A 368 -23.25 -29.88 -41.73
N VAL A 369 -24.25 -28.99 -41.78
CA VAL A 369 -25.18 -28.94 -42.91
C VAL A 369 -25.47 -27.49 -43.25
N GLY A 370 -25.54 -27.19 -44.54
CA GLY A 370 -25.96 -25.88 -45.00
C GLY A 370 -24.99 -24.77 -44.64
N ASP A 371 -25.38 -23.94 -43.67
CA ASP A 371 -24.53 -22.90 -43.15
C ASP A 371 -24.02 -23.20 -41.75
N SER A 372 -24.46 -24.30 -41.14
CA SER A 372 -24.50 -24.43 -39.69
C SER A 372 -23.66 -25.59 -39.18
N ILE A 373 -23.32 -25.50 -37.89
CA ILE A 373 -22.77 -26.60 -37.11
C ILE A 373 -23.46 -26.60 -35.75
N ASP A 374 -23.81 -27.78 -35.26
CA ASP A 374 -24.22 -27.97 -33.88
C ASP A 374 -23.03 -28.48 -33.07
N LEU A 375 -22.86 -27.93 -31.87
CA LEU A 375 -21.66 -28.14 -31.06
C LEU A 375 -22.03 -28.76 -29.71
N GLU A 376 -21.17 -29.66 -29.24
CA GLU A 376 -21.34 -30.30 -27.95
C GLU A 376 -20.01 -30.34 -27.23
N MET A 377 -19.99 -29.87 -25.98
CA MET A 377 -18.78 -29.83 -25.17
C MET A 377 -18.65 -31.17 -24.44
N ARG A 378 -17.59 -31.91 -24.73
CA ARG A 378 -17.33 -33.18 -24.06
C ARG A 378 -16.10 -33.01 -23.18
N ILE A 379 -16.23 -33.37 -21.89
CA ILE A 379 -15.17 -33.14 -20.91
C ILE A 379 -15.11 -34.30 -19.92
N TYR A 380 -13.98 -34.36 -19.22
CA TYR A 380 -13.69 -35.40 -18.23
C TYR A 380 -13.45 -34.75 -16.88
N GLU A 381 -14.20 -35.21 -15.87
CA GLU A 381 -13.99 -34.78 -14.49
C GLU A 381 -13.27 -35.89 -13.73
N GLY A 382 -12.04 -35.63 -13.32
CA GLY A 382 -11.28 -36.54 -12.49
C GLY A 382 -11.45 -36.23 -11.02
N ARG A 383 -10.60 -36.87 -10.23
CA ARG A 383 -10.58 -36.69 -8.79
C ARG A 383 -9.67 -35.53 -8.38
N GLN A 384 -10.13 -34.77 -7.39
CA GLN A 384 -9.45 -33.54 -6.99
C GLN A 384 -8.11 -33.87 -6.35
N ALA A 385 -7.06 -33.19 -6.81
CA ALA A 385 -5.69 -33.61 -6.54
C ALA A 385 -5.23 -33.20 -5.14
N THR A 386 -4.63 -34.14 -4.43
CA THR A 386 -4.01 -33.89 -3.14
C THR A 386 -2.50 -33.78 -3.33
N ILE A 387 -1.87 -32.87 -2.57
CA ILE A 387 -0.43 -32.64 -2.71
C ILE A 387 0.32 -33.75 -1.97
N ASN A 388 1.24 -34.40 -2.68
CA ASN A 388 2.02 -35.52 -2.15
C ASN A 388 3.40 -35.11 -1.66
N LYS A 389 4.07 -34.19 -2.36
CA LYS A 389 5.43 -33.82 -2.03
C LYS A 389 5.69 -32.40 -2.51
N ILE A 390 6.60 -31.71 -1.82
CA ILE A 390 7.11 -30.41 -2.25
C ILE A 390 8.63 -30.48 -2.27
N ASN A 391 9.21 -30.20 -3.43
CA ASN A 391 10.67 -30.20 -3.60
C ASN A 391 11.12 -28.78 -3.88
N ILE A 392 12.19 -28.36 -3.20
CA ILE A 392 12.70 -27.00 -3.29
C ILE A 392 14.20 -27.05 -3.50
N SER A 393 14.70 -26.25 -4.43
CA SER A 393 16.09 -26.32 -4.85
C SER A 393 16.62 -24.93 -5.15
N GLY A 394 17.95 -24.80 -5.12
CA GLY A 394 18.60 -23.53 -5.36
C GLY A 394 18.89 -22.72 -4.12
N ASN A 395 18.69 -23.27 -2.93
CA ASN A 395 18.91 -22.55 -1.67
C ASN A 395 20.34 -22.76 -1.18
N ASP A 396 21.25 -21.95 -1.74
CA ASP A 396 22.67 -22.07 -1.43
C ASP A 396 22.95 -21.74 0.02
N ARG A 397 22.29 -20.71 0.55
CA ARG A 397 22.71 -20.05 1.78
C ARG A 397 21.54 -19.83 2.73
N LEU A 398 20.54 -20.71 2.67
CA LEU A 398 19.33 -20.50 3.45
C LEU A 398 18.68 -21.86 3.68
N TYR A 399 18.50 -22.23 4.94
CA TYR A 399 17.95 -23.54 5.27
C TYR A 399 16.51 -23.65 4.80
N GLU A 400 16.09 -24.87 4.45
CA GLU A 400 14.70 -25.07 4.04
C GLU A 400 13.73 -24.70 5.15
N ASN A 401 14.19 -24.79 6.41
CA ASN A 401 13.38 -24.36 7.55
C ASN A 401 12.83 -22.96 7.34
N VAL A 402 13.63 -22.09 6.73
CA VAL A 402 13.25 -20.69 6.59
C VAL A 402 12.12 -20.51 5.59
N VAL A 403 12.07 -21.34 4.55
CA VAL A 403 11.15 -21.13 3.43
C VAL A 403 9.92 -22.01 3.53
N ARG A 404 10.05 -23.25 4.00
CA ARG A 404 8.89 -24.12 4.10
C ARG A 404 7.89 -23.64 5.14
N ARG A 405 8.31 -22.76 6.04
CA ARG A 405 7.40 -22.18 7.03
C ARG A 405 6.57 -21.04 6.46
N GLU A 406 6.96 -20.47 5.32
CA GLU A 406 6.19 -19.41 4.67
C GLU A 406 5.36 -19.90 3.49
N LEU A 407 5.46 -21.17 3.13
CA LEU A 407 4.59 -21.71 2.09
C LEU A 407 3.15 -21.79 2.58
N ARG A 408 2.22 -21.57 1.66
CA ARG A 408 0.80 -21.67 1.98
C ARG A 408 0.21 -23.02 1.62
N ILE A 409 0.86 -23.76 0.71
CA ILE A 409 0.47 -25.14 0.45
C ILE A 409 1.09 -26.06 1.49
N ARG A 410 0.46 -27.21 1.69
CA ARG A 410 0.96 -28.25 2.57
C ARG A 410 0.85 -29.59 1.87
N PRO A 411 1.77 -30.52 2.11
CA PRO A 411 1.52 -31.90 1.72
C PRO A 411 0.32 -32.44 2.49
N GLY A 412 -0.56 -33.14 1.78
CA GLY A 412 -1.73 -33.72 2.39
C GLY A 412 -3.01 -32.90 2.26
N GLN A 413 -2.94 -31.67 1.78
CA GLN A 413 -4.14 -30.89 1.51
C GLN A 413 -4.39 -30.83 0.00
N LEU A 414 -5.56 -30.31 -0.36
CA LEU A 414 -5.99 -30.30 -1.74
C LEU A 414 -5.39 -29.11 -2.48
N PHE A 415 -5.12 -29.32 -3.78
CA PHE A 415 -4.47 -28.31 -4.59
C PHE A 415 -5.41 -27.17 -4.93
N SER A 416 -4.86 -25.95 -4.98
CA SER A 416 -5.63 -24.78 -5.40
C SER A 416 -4.67 -23.71 -5.90
N LYS A 417 -5.11 -22.96 -6.91
CA LYS A 417 -4.25 -21.96 -7.53
C LYS A 417 -3.95 -20.78 -6.59
N ASP A 418 -4.95 -20.34 -5.82
CA ASP A 418 -4.75 -19.18 -4.97
C ASP A 418 -3.68 -19.43 -3.91
N ASP A 419 -3.68 -20.63 -3.32
CA ASP A 419 -2.65 -20.96 -2.33
C ASP A 419 -1.26 -20.92 -2.94
N LEU A 420 -1.10 -21.50 -4.13
CA LEU A 420 0.21 -21.52 -4.79
C LEU A 420 0.67 -20.11 -5.14
N MET A 421 -0.22 -19.29 -5.68
CA MET A 421 0.13 -17.92 -6.05
C MET A 421 0.49 -17.11 -4.81
N ARG A 422 -0.26 -17.28 -3.72
CA ARG A 422 0.07 -16.60 -2.47
C ARG A 422 1.43 -17.03 -1.94
N SER A 423 1.74 -18.33 -2.01
CA SER A 423 3.05 -18.80 -1.55
C SER A 423 4.17 -18.16 -2.35
N LEU A 424 4.00 -18.08 -3.68
CA LEU A 424 5.02 -17.41 -4.48
C LEU A 424 5.13 -15.92 -4.15
N ARG A 425 3.99 -15.27 -3.84
CA ARG A 425 4.06 -13.88 -3.39
C ARG A 425 4.86 -13.73 -2.11
N GLU A 426 4.64 -14.62 -1.14
CA GLU A 426 5.39 -14.55 0.11
C GLU A 426 6.88 -14.73 -0.14
N ILE A 427 7.24 -15.69 -0.99
CA ILE A 427 8.65 -15.91 -1.29
C ILE A 427 9.25 -14.70 -1.98
N GLN A 428 8.50 -14.09 -2.93
CA GLN A 428 9.02 -12.90 -3.59
C GLN A 428 9.24 -11.75 -2.61
N GLN A 429 8.28 -11.54 -1.70
CA GLN A 429 8.42 -10.43 -0.76
C GLN A 429 9.54 -10.68 0.25
N MET A 430 9.85 -11.95 0.53
CA MET A 430 10.85 -12.26 1.55
C MET A 430 12.22 -11.68 1.18
N GLY A 431 12.56 -11.71 -0.11
CA GLY A 431 13.74 -11.00 -0.59
C GLY A 431 15.03 -11.79 -0.62
N HIS A 432 15.07 -12.96 0.02
CA HIS A 432 16.29 -13.76 0.01
C HIS A 432 16.52 -14.46 -1.32
N PHE A 433 15.53 -14.46 -2.21
CA PHE A 433 15.66 -15.03 -3.54
C PHE A 433 15.28 -13.96 -4.57
N ASP A 434 15.64 -14.20 -5.82
CA ASP A 434 15.28 -13.24 -6.85
C ASP A 434 13.76 -13.18 -7.01
N PRO A 435 13.18 -11.98 -7.08
CA PRO A 435 11.72 -11.88 -7.28
C PRO A 435 11.28 -12.19 -8.69
N GLU A 436 12.20 -12.24 -9.66
CA GLU A 436 11.88 -12.59 -11.03
C GLU A 436 12.38 -14.00 -11.33
N LYS A 437 11.87 -14.54 -12.45
CA LYS A 437 12.27 -15.87 -12.95
C LYS A 437 11.96 -16.98 -11.95
N LEU A 438 10.79 -16.89 -11.29
CA LEU A 438 10.28 -17.96 -10.45
C LEU A 438 9.05 -18.58 -11.09
N GLN A 439 9.04 -19.92 -11.16
CA GLN A 439 7.90 -20.66 -11.69
C GLN A 439 7.90 -22.08 -11.15
N PRO A 440 6.78 -22.58 -10.65
CA PRO A 440 6.76 -23.93 -10.08
C PRO A 440 6.72 -25.02 -11.13
N ASP A 441 7.40 -26.12 -10.83
CA ASP A 441 7.44 -27.30 -11.72
C ASP A 441 6.39 -28.29 -11.21
N ILE A 442 5.17 -28.15 -11.73
CA ILE A 442 4.06 -29.00 -11.29
C ILE A 442 4.14 -30.34 -12.01
N GLN A 443 4.06 -31.42 -11.25
CA GLN A 443 4.09 -32.77 -11.79
C GLN A 443 2.97 -33.61 -11.19
N PRO A 444 1.94 -33.93 -11.95
CA PRO A 444 0.86 -34.78 -11.43
C PRO A 444 1.17 -36.27 -11.65
N ASP A 445 0.38 -37.10 -10.96
CA ASP A 445 0.49 -38.55 -11.06
C ASP A 445 -0.92 -39.14 -11.15
N PRO A 446 -1.35 -39.58 -12.33
CA PRO A 446 -2.74 -40.02 -12.48
C PRO A 446 -3.03 -41.39 -11.88
N VAL A 447 -2.02 -42.18 -11.50
CA VAL A 447 -2.29 -43.47 -10.89
C VAL A 447 -2.69 -43.30 -9.42
N ASN A 448 -1.90 -42.55 -8.65
CA ASN A 448 -2.25 -42.27 -7.27
C ASN A 448 -3.16 -41.06 -7.13
N GLY A 449 -3.29 -40.27 -8.18
CA GLY A 449 -4.15 -39.09 -8.17
C GLY A 449 -3.66 -37.99 -7.27
N THR A 450 -2.35 -37.75 -7.24
CA THR A 450 -1.74 -36.72 -6.42
C THR A 450 -0.80 -35.89 -7.28
N VAL A 451 -0.36 -34.76 -6.72
CA VAL A 451 0.53 -33.84 -7.40
C VAL A 451 1.67 -33.47 -6.47
N ASP A 452 2.86 -33.32 -7.02
CA ASP A 452 4.01 -32.81 -6.28
C ASP A 452 4.56 -31.60 -7.01
N ILE A 453 5.01 -30.60 -6.24
CA ILE A 453 5.40 -29.30 -6.75
C ILE A 453 6.90 -29.13 -6.55
N GLY A 454 7.61 -28.82 -7.63
CA GLY A 454 9.00 -28.44 -7.55
C GLY A 454 9.15 -26.94 -7.60
N LEU A 455 9.89 -26.40 -6.64
CA LEU A 455 10.16 -24.96 -6.57
C LEU A 455 11.63 -24.71 -6.87
N PRO A 456 12.01 -24.52 -8.14
CA PRO A 456 13.36 -24.08 -8.44
C PRO A 456 13.50 -22.58 -8.18
N LEU A 457 14.47 -22.22 -7.36
CA LEU A 457 14.69 -20.83 -6.96
C LEU A 457 16.09 -20.39 -7.33
N THR A 458 16.26 -19.09 -7.54
CA THR A 458 17.56 -18.50 -7.86
C THR A 458 17.96 -17.57 -6.72
N SER A 459 19.18 -17.73 -6.24
CA SER A 459 19.63 -17.08 -5.01
C SER A 459 20.36 -15.77 -5.31
N LYS A 460 20.28 -14.86 -4.35
CA LYS A 460 21.05 -13.62 -4.37
C LYS A 460 21.35 -13.23 -2.92
N ALA A 461 22.53 -12.65 -2.71
CA ALA A 461 22.99 -12.30 -1.37
C ALA A 461 22.86 -10.80 -1.15
N ASN A 462 22.27 -10.42 -0.02
CA ASN A 462 21.99 -9.02 0.31
C ASN A 462 22.97 -8.57 1.38
N ASP A 463 23.94 -7.75 0.99
CA ASP A 463 24.91 -7.14 1.90
C ASP A 463 25.65 -5.97 1.24
N GLN A 464 25.92 -4.92 2.03
CA GLN A 464 26.58 -3.73 1.48
C GLN A 464 28.08 -3.96 1.41
N LEU A 480 30.50 3.89 7.45
CA LEU A 480 30.63 2.49 7.05
C LEU A 480 29.53 1.66 7.72
N SER A 481 28.99 0.68 7.00
CA SER A 481 27.84 -0.07 7.48
C SER A 481 27.81 -1.45 6.85
N LEU A 482 26.99 -2.31 7.45
CA LEU A 482 26.90 -3.73 7.08
C LEU A 482 25.45 -4.18 7.19
N LYS A 483 24.97 -4.95 6.22
CA LYS A 483 23.56 -5.35 6.27
C LYS A 483 23.34 -6.86 6.22
N PHE A 484 24.01 -7.60 7.10
CA PHE A 484 23.86 -9.06 7.11
C PHE A 484 22.39 -9.45 7.20
N THR A 485 21.87 -10.11 6.16
CA THR A 485 20.43 -10.33 6.04
C THR A 485 20.00 -11.74 6.45
N ASN A 486 20.92 -12.70 6.48
CA ASN A 486 20.61 -14.10 6.80
C ASN A 486 21.60 -14.64 7.83
N PHE A 487 21.73 -13.91 8.94
CA PHE A 487 22.71 -14.16 9.98
C PHE A 487 22.01 -14.75 11.21
N SER A 488 22.55 -15.87 11.72
CA SER A 488 21.89 -16.66 12.75
C SER A 488 22.63 -16.56 14.08
N VAL A 489 21.88 -16.32 15.16
CA VAL A 489 22.47 -16.25 16.49
C VAL A 489 22.68 -17.65 17.07
N ALA A 490 21.81 -18.61 16.72
CA ALA A 490 22.02 -19.98 17.16
C ALA A 490 23.29 -20.57 16.57
N ASN A 491 23.52 -20.33 15.28
CA ASN A 491 24.75 -20.78 14.63
C ASN A 491 25.97 -20.02 15.13
N LEU A 492 25.77 -18.85 15.77
CA LEU A 492 26.88 -18.13 16.39
C LEU A 492 27.26 -18.75 17.72
N LEU A 493 26.30 -18.96 18.61
CA LEU A 493 26.57 -19.42 19.96
C LEU A 493 26.85 -20.91 20.05
N ARG A 494 26.45 -21.68 19.04
CA ARG A 494 26.72 -23.11 18.98
C ARG A 494 26.72 -23.57 17.54
N PRO A 495 27.90 -23.59 16.89
CA PRO A 495 27.95 -24.00 15.48
C PRO A 495 27.39 -25.40 15.31
N GLY A 496 26.75 -25.62 14.16
CA GLY A 496 26.13 -26.92 13.94
C GLY A 496 27.16 -28.03 13.98
N GLU A 497 27.96 -28.13 12.92
CA GLU A 497 28.99 -29.15 12.78
C GLU A 497 30.34 -28.61 12.34
N ASN A 498 30.38 -27.46 11.64
CA ASN A 498 31.63 -26.85 11.19
C ASN A 498 31.32 -25.41 10.80
N TYR A 499 31.88 -24.44 11.52
CA TYR A 499 31.72 -23.05 11.08
C TYR A 499 32.65 -22.74 9.91
N ARG A 500 33.78 -23.44 9.81
CA ARG A 500 34.59 -23.49 8.60
C ARG A 500 35.05 -22.10 8.16
N GLY A 501 35.23 -21.19 9.11
CA GLY A 501 35.68 -19.85 8.81
C GLY A 501 34.62 -18.92 8.27
N ILE A 502 33.40 -19.40 8.07
CA ILE A 502 32.33 -18.61 7.49
C ILE A 502 31.53 -17.95 8.62
N LEU A 503 30.87 -16.85 8.29
CA LEU A 503 29.95 -16.21 9.21
C LEU A 503 28.80 -17.16 9.55
N PRO A 504 28.22 -17.04 10.75
CA PRO A 504 27.15 -17.96 11.15
C PRO A 504 25.83 -17.69 10.44
N GLN A 505 25.72 -18.12 9.19
CA GLN A 505 24.60 -17.80 8.35
C GLN A 505 23.42 -18.75 8.60
N GLY A 506 22.22 -18.29 8.26
CA GLY A 506 21.03 -19.12 8.27
C GLY A 506 19.89 -18.45 8.98
N ASP A 507 18.77 -19.16 9.04
CA ASP A 507 17.58 -18.87 9.84
C ASP A 507 16.84 -17.60 9.41
N GLY A 508 17.31 -16.89 8.40
CA GLY A 508 16.62 -15.70 7.93
C GLY A 508 16.66 -14.52 8.87
N GLN A 509 17.37 -14.63 9.99
CA GLN A 509 17.53 -13.51 10.90
C GLN A 509 18.51 -12.51 10.31
N THR A 510 18.39 -11.24 10.72
CA THR A 510 19.21 -10.18 10.13
C THR A 510 19.88 -9.33 11.22
N LEU A 511 21.09 -8.89 10.91
CA LEU A 511 21.90 -8.06 11.79
C LEU A 511 22.45 -6.90 10.98
N THR A 512 22.57 -5.73 11.61
CA THR A 512 23.00 -4.52 10.90
C THR A 512 23.78 -3.60 11.83
N ILE A 513 24.87 -3.03 11.31
CA ILE A 513 25.75 -2.12 12.05
C ILE A 513 26.05 -0.92 11.16
N SER A 514 26.14 0.27 11.76
CA SER A 514 26.46 1.48 11.00
C SER A 514 27.05 2.53 11.94
N GLY A 515 27.83 3.44 11.37
CA GLY A 515 28.40 4.52 12.16
C GLY A 515 29.30 5.44 11.35
N GLN A 516 29.53 6.62 11.91
CA GLN A 516 30.45 7.62 11.37
C GLN A 516 31.69 7.69 12.26
N THR A 517 32.87 7.71 11.63
CA THR A 517 34.13 7.80 12.37
C THR A 517 34.92 9.03 11.94
N ASN A 518 34.23 10.11 11.58
CA ASN A 518 34.91 11.34 11.19
C ASN A 518 35.55 12.02 12.39
N ALA A 519 34.79 12.14 13.48
CA ALA A 519 35.27 12.45 14.83
C ALA A 519 35.71 13.89 15.02
N LYS A 520 35.83 14.66 13.94
CA LYS A 520 36.17 16.07 14.06
C LYS A 520 34.99 16.99 13.76
N TYR A 521 33.92 16.47 13.20
CA TYR A 521 32.59 17.08 13.23
C TYR A 521 31.48 16.11 13.60
N TYR A 522 31.57 14.84 13.18
CA TYR A 522 30.54 13.83 13.41
C TYR A 522 31.18 12.54 13.93
N GLN A 523 30.41 11.81 14.74
CA GLN A 523 30.77 10.50 15.26
C GLN A 523 29.49 9.81 15.71
N SER A 524 29.38 8.51 15.41
CA SER A 524 28.16 7.78 15.71
C SER A 524 28.43 6.28 15.69
N TYR A 525 27.64 5.55 16.47
CA TYR A 525 27.64 4.09 16.49
C TYR A 525 26.19 3.61 16.52
N SER A 526 25.93 2.45 15.93
CA SER A 526 24.58 1.91 15.92
C SER A 526 24.61 0.42 15.61
N ILE A 527 23.56 -0.28 16.06
CA ILE A 527 23.42 -1.72 15.87
C ILE A 527 21.94 -2.06 15.94
N SER A 528 21.54 -3.10 15.20
CA SER A 528 20.15 -3.56 15.21
C SER A 528 20.09 -5.04 14.85
N PHE A 529 19.04 -5.71 15.34
CA PHE A 529 18.82 -7.13 15.13
C PHE A 529 17.32 -7.40 15.01
N PHE A 530 16.95 -8.31 14.11
CA PHE A 530 15.55 -8.59 13.84
C PHE A 530 15.36 -10.08 13.57
N ASP A 531 14.42 -10.69 14.28
CA ASP A 531 14.15 -12.13 14.20
C ASP A 531 12.72 -12.35 13.76
N PRO A 532 12.46 -12.69 12.49
CA PRO A 532 11.08 -12.69 11.99
C PRO A 532 10.20 -13.81 12.53
N TRP A 533 10.78 -14.90 13.05
CA TRP A 533 10.03 -16.02 13.61
C TRP A 533 10.64 -16.33 14.97
N PHE A 534 10.19 -15.62 16.01
CA PHE A 534 10.77 -15.82 17.33
C PHE A 534 10.29 -17.15 17.92
N GLY A 535 11.22 -17.95 18.41
CA GLY A 535 10.92 -19.28 18.87
C GLY A 535 10.79 -20.30 17.76
N GLY A 536 10.85 -19.89 16.50
CA GLY A 536 10.80 -20.80 15.38
C GLY A 536 9.49 -21.53 15.19
N LYS A 537 8.42 -21.07 15.84
CA LYS A 537 7.17 -21.83 15.88
C LYS A 537 5.93 -21.04 15.49
N ARG A 538 5.96 -19.72 15.49
CA ARG A 538 4.82 -18.88 15.11
C ARG A 538 5.32 -17.65 14.39
N PRO A 539 4.48 -17.05 13.54
CA PRO A 539 4.82 -15.74 12.94
C PRO A 539 4.58 -14.58 13.89
N ASN A 540 5.46 -14.45 14.87
CA ASN A 540 5.59 -13.24 15.66
C ASN A 540 7.08 -12.96 15.86
N SER A 541 7.45 -11.69 15.77
CA SER A 541 8.84 -11.32 15.55
C SER A 541 9.35 -10.40 16.66
N LEU A 542 10.68 -10.40 16.82
CA LEU A 542 11.37 -9.59 17.81
C LEU A 542 12.33 -8.64 17.10
N SER A 543 12.36 -7.39 17.56
CA SER A 543 13.24 -6.37 17.00
C SER A 543 13.86 -5.56 18.12
N VAL A 544 15.18 -5.35 18.06
CA VAL A 544 15.92 -4.57 19.04
C VAL A 544 17.01 -3.77 18.32
N SER A 545 17.36 -2.63 18.91
CA SER A 545 18.38 -1.75 18.33
C SER A 545 18.90 -0.79 19.39
N ALA A 546 20.02 -0.14 19.07
CA ALA A 546 20.65 0.85 19.96
C ALA A 546 21.54 1.77 19.13
N PHE A 547 21.82 2.97 19.67
CA PHE A 547 22.57 3.98 18.92
C PHE A 547 23.22 4.98 19.88
N PHE A 548 24.18 5.76 19.33
CA PHE A 548 25.01 6.70 20.08
C PHE A 548 25.70 7.64 19.09
N SER A 549 25.92 8.90 19.47
CA SER A 549 26.49 9.86 18.51
C SER A 549 27.01 11.15 19.17
N VAL A 550 28.20 11.64 18.72
CA VAL A 550 28.72 12.96 19.09
C VAL A 550 28.68 13.89 17.89
N GLN A 551 28.43 15.16 18.15
CA GLN A 551 28.62 16.18 17.15
C GLN A 551 29.08 17.47 17.83
N THR A 552 30.11 18.09 17.25
CA THR A 552 30.77 19.26 17.80
C THR A 552 29.83 20.46 17.94
N LYS A 597 32.25 21.86 23.74
CA LYS A 597 30.94 22.17 23.19
C LYS A 597 30.52 21.06 22.24
N SER A 598 29.45 20.35 22.57
CA SER A 598 29.01 19.21 21.77
C SER A 598 27.57 18.84 22.16
N ILE A 599 27.03 17.82 21.48
CA ILE A 599 25.69 17.32 21.73
C ILE A 599 25.72 15.79 21.73
N LYS A 600 25.13 15.17 22.76
CA LYS A 600 25.27 13.74 22.99
C LYS A 600 23.90 13.08 22.91
N MET A 601 23.75 12.04 22.09
CA MET A 601 22.48 11.35 22.00
C MET A 601 22.68 9.84 21.95
N TRP A 602 21.94 9.10 22.79
CA TRP A 602 21.96 7.64 22.76
C TRP A 602 20.63 7.09 23.25
N GLY A 603 20.35 5.86 22.84
CA GLY A 603 19.10 5.21 23.22
C GLY A 603 19.00 3.81 22.64
N LEU A 604 17.89 3.15 22.96
CA LEU A 604 17.64 1.78 22.51
C LEU A 604 16.12 1.55 22.49
N SER A 605 15.71 0.44 21.86
CA SER A 605 14.30 0.12 21.74
C SER A 605 14.10 -1.39 21.58
N LEU A 606 12.87 -1.84 21.83
CA LEU A 606 12.48 -3.24 21.72
C LEU A 606 11.04 -3.30 21.20
N GLY A 607 10.80 -4.19 20.21
CA GLY A 607 9.50 -4.24 19.56
C GLY A 607 9.08 -5.68 19.27
N TRP A 608 7.80 -5.82 18.92
CA TRP A 608 7.15 -7.12 18.85
C TRP A 608 6.03 -7.07 17.81
N GLY A 609 6.13 -7.88 16.77
CA GLY A 609 5.14 -7.87 15.69
C GLY A 609 4.28 -9.12 15.61
N LYS A 610 3.12 -9.02 14.97
CA LYS A 610 2.16 -10.12 14.97
C LYS A 610 1.23 -10.00 13.78
N ARG A 611 1.07 -11.10 13.03
CA ARG A 611 0.12 -11.15 11.93
C ARG A 611 -1.30 -11.36 12.47
N LEU A 612 -2.25 -10.64 11.89
CA LEU A 612 -3.64 -10.65 12.34
C LEU A 612 -4.48 -11.61 11.50
N LYS A 613 -5.73 -11.80 11.95
CA LYS A 613 -6.69 -12.67 11.27
C LYS A 613 -8.07 -12.05 11.10
N TRP A 614 -8.34 -10.90 11.72
CA TRP A 614 -9.61 -10.16 11.63
C TRP A 614 -10.04 -9.54 10.30
N PRO A 615 -9.39 -8.52 9.74
CA PRO A 615 -9.88 -8.06 8.44
C PRO A 615 -9.56 -9.09 7.35
N ASP A 616 -8.30 -9.47 7.31
CA ASP A 616 -7.77 -10.51 6.42
C ASP A 616 -6.55 -11.12 7.09
N ASP A 617 -5.70 -11.79 6.31
CA ASP A 617 -4.43 -12.27 6.83
C ASP A 617 -3.24 -11.52 6.23
N TYR A 618 -3.48 -10.35 5.63
CA TYR A 618 -2.38 -9.45 5.25
C TYR A 618 -2.04 -8.45 6.33
N PHE A 619 -2.98 -8.10 7.20
CA PHE A 619 -2.72 -7.12 8.25
C PHE A 619 -1.67 -7.61 9.24
N THR A 620 -0.76 -6.72 9.62
CA THR A 620 0.23 -6.98 10.65
C THR A 620 0.20 -5.85 11.67
N LEU A 621 0.07 -6.20 12.94
CA LEU A 621 0.15 -5.25 14.04
C LEU A 621 1.56 -5.29 14.63
N SER A 622 2.02 -4.13 15.11
CA SER A 622 3.34 -4.02 15.71
C SER A 622 3.27 -3.10 16.91
N ALA A 623 3.99 -3.47 17.97
CA ALA A 623 4.08 -2.67 19.19
C ALA A 623 5.55 -2.56 19.59
N GLU A 624 5.95 -1.37 20.02
CA GLU A 624 7.35 -1.10 20.32
C GLU A 624 7.47 -0.12 21.48
N LEU A 625 8.51 -0.32 22.30
CA LEU A 625 8.83 0.53 23.44
C LEU A 625 10.26 1.03 23.29
N ALA A 626 10.48 2.33 23.52
CA ALA A 626 11.75 2.96 23.20
C ALA A 626 12.20 3.90 24.31
N TYR A 627 13.52 4.10 24.40
CA TYR A 627 14.13 5.01 25.36
C TYR A 627 15.23 5.81 24.67
N GLN A 628 15.34 7.09 25.01
CA GLN A 628 16.36 7.95 24.42
C GLN A 628 16.79 8.99 25.45
N ARG A 629 18.06 9.40 25.39
CA ARG A 629 18.58 10.47 26.23
C ARG A 629 19.41 11.44 25.41
N TYR A 630 19.19 12.73 25.69
CA TYR A 630 19.91 13.81 25.02
C TYR A 630 20.73 14.57 26.06
N ASN A 631 21.98 14.86 25.71
CA ASN A 631 22.96 15.37 26.67
C ASN A 631 23.62 16.59 26.06
N LEU A 632 23.53 17.75 26.73
CA LEU A 632 24.01 18.98 26.11
C LEU A 632 24.54 19.99 27.11
N LYS A 633 25.45 20.84 26.61
CA LYS A 633 25.82 22.11 27.22
C LYS A 633 26.26 23.03 26.08
N ASP A 634 25.97 24.33 26.26
CA ASP A 634 26.24 25.49 25.38
C ASP A 634 25.94 25.22 23.90
N TRP A 635 25.06 24.27 23.60
CA TRP A 635 24.61 24.00 22.25
C TRP A 635 23.49 24.96 21.83
N GLN A 636 23.35 25.16 20.52
CA GLN A 636 22.58 26.28 20.00
C GLN A 636 21.58 26.00 18.87
N TYR A 637 21.68 24.89 18.15
CA TYR A 637 20.71 24.63 17.09
C TYR A 637 19.41 24.01 17.57
N PHE A 638 19.30 23.68 18.83
CA PHE A 638 18.02 23.29 19.36
C PHE A 638 17.51 24.36 20.28
N PRO A 639 16.21 24.44 20.52
CA PRO A 639 15.76 25.39 21.54
C PRO A 639 16.42 25.11 22.89
N VAL A 640 16.66 23.83 23.25
CA VAL A 640 17.31 23.49 24.52
C VAL A 640 18.80 23.78 24.38
N THR A 641 19.42 24.24 25.48
CA THR A 641 20.80 24.69 25.41
C THR A 641 21.68 24.04 26.47
N ASN A 642 21.12 23.72 27.64
CA ASN A 642 21.94 23.23 28.75
C ASN A 642 21.09 22.26 29.59
N GLY A 643 21.42 20.97 29.56
CA GLY A 643 20.77 20.03 30.43
C GLY A 643 20.74 18.63 29.83
N LYS A 644 19.82 17.82 30.36
CA LYS A 644 19.68 16.42 29.98
C LYS A 644 18.20 16.07 30.02
N CYS A 645 17.74 15.35 28.97
CA CYS A 645 16.32 15.14 28.74
C CYS A 645 16.06 13.67 28.44
N ASN A 646 14.87 13.19 28.81
CA ASN A 646 14.55 11.76 28.66
C ASN A 646 13.18 11.63 27.99
N ASP A 647 12.89 10.43 27.50
CA ASP A 647 11.59 10.16 26.89
C ASP A 647 11.36 8.66 26.81
N LEU A 648 10.20 8.22 27.30
CA LEU A 648 9.78 6.83 27.17
C LEU A 648 8.55 6.80 26.28
N SER A 649 8.58 5.99 25.23
CA SER A 649 7.51 6.03 24.23
C SER A 649 7.01 4.63 23.91
N LEU A 650 5.69 4.50 23.81
CA LEU A 650 5.02 3.26 23.44
C LEU A 650 4.28 3.48 22.13
N SER A 651 4.57 2.66 21.13
CA SER A 651 4.04 2.84 19.78
C SER A 651 3.19 1.64 19.38
N LEU A 652 2.04 1.92 18.79
CA LEU A 652 1.22 0.92 18.12
C LEU A 652 1.12 1.28 16.65
N THR A 653 1.37 0.30 15.78
CA THR A 653 1.32 0.51 14.34
C THR A 653 0.50 -0.60 13.70
N LEU A 654 -0.48 -0.23 12.89
CA LEU A 654 -1.30 -1.15 12.13
C LEU A 654 -0.99 -0.98 10.65
N ALA A 655 -0.58 -2.05 9.99
CA ALA A 655 -0.12 -1.97 8.61
C ALA A 655 -0.67 -3.13 7.80
N ARG A 656 -0.84 -2.87 6.49
CA ARG A 656 -1.22 -3.90 5.53
C ARG A 656 -0.38 -3.73 4.28
N ASN A 657 0.12 -4.84 3.76
CA ASN A 657 1.07 -4.83 2.64
C ASN A 657 0.71 -5.97 1.70
N SER A 658 0.52 -5.66 0.41
CA SER A 658 0.04 -6.66 -0.53
C SER A 658 0.74 -6.59 -1.90
N ILE A 659 1.95 -6.03 -1.96
CA ILE A 659 2.65 -5.85 -3.22
C ILE A 659 3.33 -7.14 -3.64
N ASP A 660 3.77 -7.21 -4.89
CA ASP A 660 4.41 -8.42 -5.42
C ASP A 660 5.93 -8.40 -5.36
N ASN A 661 6.56 -7.28 -5.71
CA ASN A 661 8.01 -7.21 -5.86
C ASN A 661 8.50 -6.02 -5.03
N PRO A 662 9.43 -6.24 -4.09
CA PRO A 662 9.90 -5.11 -3.27
C PRO A 662 10.54 -4.00 -4.07
N ILE A 663 11.26 -4.35 -5.12
CA ILE A 663 12.18 -3.42 -5.78
C ILE A 663 11.48 -2.63 -6.88
N PHE A 664 10.56 -3.26 -7.60
CA PHE A 664 9.74 -2.57 -8.60
C PHE A 664 8.34 -3.16 -8.55
N PRO A 665 7.53 -2.72 -7.60
CA PRO A 665 6.19 -3.29 -7.44
C PRO A 665 5.29 -2.96 -8.62
N ARG A 666 4.31 -3.83 -8.85
CA ARG A 666 3.48 -3.63 -10.02
C ARG A 666 2.01 -3.77 -9.69
N THR A 667 1.67 -4.38 -8.55
CA THR A 667 0.28 -4.47 -8.09
C THR A 667 0.28 -4.42 -6.56
N GLY A 668 -0.89 -4.11 -5.99
CA GLY A 668 -1.05 -4.09 -4.55
C GLY A 668 -0.89 -2.71 -3.95
N SER A 669 -0.83 -2.69 -2.62
CA SER A 669 -0.82 -1.45 -1.86
C SER A 669 -0.04 -1.66 -0.57
N ASP A 670 0.25 -0.54 0.10
CA ASP A 670 1.03 -0.56 1.34
C ASP A 670 0.48 0.56 2.23
N PHE A 671 -0.35 0.18 3.21
CA PHE A 671 -1.01 1.11 4.11
C PHE A 671 -0.41 0.99 5.51
N SER A 672 -0.29 2.12 6.21
CA SER A 672 0.21 2.14 7.57
C SER A 672 -0.50 3.23 8.37
N LEU A 673 -0.86 2.91 9.61
CA LEU A 673 -1.47 3.86 10.53
C LEU A 673 -0.80 3.67 11.88
N SER A 674 -0.22 4.74 12.42
CA SER A 674 0.66 4.65 13.57
C SER A 674 0.35 5.73 14.58
N VAL A 675 0.47 5.40 15.87
CA VAL A 675 0.31 6.35 16.97
C VAL A 675 1.39 6.05 18.01
N GLN A 676 1.96 7.11 18.58
CA GLN A 676 3.15 6.98 19.43
C GLN A 676 2.99 7.91 20.63
N LEU A 677 2.68 7.32 21.79
CA LEU A 677 2.44 8.07 23.02
C LEU A 677 3.66 8.04 23.94
N THR A 678 3.78 9.08 24.76
CA THR A 678 4.62 9.10 25.94
C THR A 678 3.78 9.61 27.10
N PRO A 679 3.98 9.11 28.31
CA PRO A 679 2.99 9.32 29.37
C PRO A 679 2.81 10.79 29.67
N PRO A 680 1.58 11.20 30.02
CA PRO A 680 1.20 12.60 30.20
C PRO A 680 1.53 13.16 31.59
N TYR A 681 2.80 13.50 31.80
CA TYR A 681 3.25 14.00 33.09
C TYR A 681 2.60 15.33 33.48
N SER A 682 2.07 16.08 32.51
CA SER A 682 1.42 17.35 32.83
C SER A 682 0.12 17.16 33.61
N LEU A 683 -0.51 15.99 33.51
CA LEU A 683 -1.77 15.74 34.18
C LEU A 683 -1.50 15.34 35.63
N PHE A 684 -2.55 14.88 36.33
CA PHE A 684 -2.45 14.57 37.74
C PHE A 684 -1.42 13.48 38.02
N ASP A 685 -1.08 12.67 37.01
CA ASP A 685 -0.08 11.63 37.19
C ASP A 685 1.29 12.22 37.57
N GLY A 686 1.60 13.42 37.10
CA GLY A 686 2.86 14.06 37.42
C GLY A 686 2.71 15.46 37.97
N LYS A 687 1.54 16.07 37.76
CA LYS A 687 1.17 17.40 38.24
C LYS A 687 2.31 18.41 38.16
N ASP A 688 2.60 19.13 39.24
CA ASP A 688 3.49 20.30 39.16
C ASP A 688 4.90 19.99 38.63
N GLN A 704 15.51 32.94 26.21
CA GLN A 704 14.96 31.80 26.93
C GLN A 704 14.56 32.23 28.34
N ASP A 705 13.35 31.87 28.76
CA ASP A 705 12.90 32.16 30.11
C ASP A 705 12.99 30.96 31.06
N ASN A 706 12.23 29.90 30.79
CA ASN A 706 12.35 28.67 31.57
C ASN A 706 12.12 27.45 30.69
N MET A 707 12.82 27.38 29.57
CA MET A 707 12.49 26.36 28.62
C MET A 707 13.35 25.11 28.80
N ASN A 708 14.62 25.27 29.21
CA ASN A 708 15.41 24.14 29.68
C ASN A 708 14.87 23.56 30.98
N LYS A 709 13.93 24.25 31.60
CA LYS A 709 13.13 23.72 32.70
C LYS A 709 11.89 23.01 32.14
N LEU A 710 11.35 22.10 32.95
CA LEU A 710 10.12 21.35 32.71
C LEU A 710 10.28 20.27 31.64
N HIS A 711 11.31 20.39 30.80
CA HIS A 711 11.65 19.30 29.90
C HIS A 711 12.82 18.50 30.42
N ARG A 712 12.77 18.12 31.69
CA ARG A 712 13.56 16.96 32.10
C ARG A 712 13.01 15.74 31.40
N TRP A 713 11.68 15.59 31.41
CA TRP A 713 10.91 14.61 30.65
C TRP A 713 10.07 15.32 29.60
N VAL A 714 10.18 14.89 28.33
CA VAL A 714 9.43 15.53 27.25
C VAL A 714 8.11 14.79 27.04
N GLU A 715 7.12 15.51 26.52
CA GLU A 715 5.75 15.02 26.40
C GLU A 715 5.21 15.30 25.01
N TYR A 716 4.53 14.29 24.44
CA TYR A 716 3.90 14.44 23.13
C TYR A 716 3.05 13.20 22.87
N HIS A 717 2.27 13.27 21.79
CA HIS A 717 1.70 12.09 21.16
C HIS A 717 1.66 12.31 19.66
N LYS A 718 2.39 11.48 18.91
CA LYS A 718 2.59 11.65 17.49
C LYS A 718 1.74 10.66 16.71
N TRP A 719 1.08 11.14 15.66
CA TRP A 719 0.21 10.34 14.82
C TRP A 719 0.72 10.38 13.39
N LYS A 720 0.54 9.27 12.67
CA LYS A 720 0.93 9.22 11.27
C LYS A 720 -0.02 8.33 10.48
N PHE A 721 -0.20 8.67 9.21
CA PHE A 721 -0.88 7.85 8.22
C PHE A 721 -0.05 7.86 6.95
N LYS A 722 0.08 6.71 6.30
CA LYS A 722 1.04 6.57 5.20
C LYS A 722 0.53 5.48 4.28
N ALA A 723 0.32 5.83 3.01
CA ALA A 723 -0.26 4.89 2.05
C ALA A 723 0.44 5.00 0.70
N LYS A 724 0.81 3.86 0.12
CA LYS A 724 1.27 3.79 -1.26
C LYS A 724 0.34 2.92 -2.07
N THR A 725 0.24 3.23 -3.36
CA THR A 725 -0.67 2.54 -4.26
C THR A 725 0.03 2.31 -5.60
N TYR A 726 -0.04 1.08 -6.09
CA TYR A 726 0.60 0.70 -7.34
C TYR A 726 -0.42 0.08 -8.27
N THR A 727 -0.43 0.52 -9.53
CA THR A 727 -1.25 -0.10 -10.55
C THR A 727 -0.46 -0.20 -11.84
N PRO A 728 -0.57 -1.31 -12.57
CA PRO A 728 -0.04 -1.35 -13.93
C PRO A 728 -1.00 -0.63 -14.86
N LEU A 729 -0.45 -0.15 -15.97
CA LEU A 729 -1.25 0.58 -16.93
C LEU A 729 -1.29 -0.09 -18.30
N MET A 730 -0.65 -1.25 -18.45
CA MET A 730 -0.57 -1.93 -19.74
C MET A 730 -0.59 -3.45 -19.53
N ASP A 731 -1.67 -3.97 -18.95
CA ASP A 731 -1.87 -5.41 -18.76
C ASP A 731 -0.88 -5.97 -17.74
N TYR A 732 0.40 -6.15 -18.12
CA TYR A 732 1.42 -6.83 -17.30
C TYR A 732 1.32 -8.35 -17.44
N ILE A 733 2.13 -9.15 -16.76
CA ILE A 733 2.20 -10.59 -17.05
C ILE A 733 2.80 -10.81 -18.45
N ALA A 734 2.07 -10.46 -19.50
CA ALA A 734 2.69 -10.34 -20.82
C ALA A 734 3.63 -9.15 -20.82
N HIS A 735 4.68 -9.23 -21.66
CA HIS A 735 5.75 -8.22 -21.68
C HIS A 735 6.02 -7.71 -20.27
N PRO A 736 6.51 -8.56 -19.37
CA PRO A 736 6.50 -8.21 -17.94
C PRO A 736 7.33 -6.98 -17.59
N LYS A 737 8.08 -6.41 -18.54
CA LYS A 737 8.78 -5.16 -18.24
C LYS A 737 7.79 -4.08 -17.84
N CYS A 738 6.65 -4.02 -18.52
CA CYS A 738 5.48 -3.27 -18.05
C CYS A 738 5.72 -1.77 -17.91
N LEU A 739 4.70 -1.08 -17.40
CA LEU A 739 4.74 0.32 -17.04
C LEU A 739 3.70 0.53 -15.95
N VAL A 740 4.07 1.25 -14.91
CA VAL A 740 3.24 1.35 -13.71
C VAL A 740 2.99 2.81 -13.36
N LEU A 741 1.84 3.04 -12.71
CA LEU A 741 1.51 4.32 -12.10
C LEU A 741 1.50 4.14 -10.59
N MET A 742 2.24 5.00 -9.90
CA MET A 742 2.33 4.95 -8.46
C MET A 742 1.50 6.09 -7.85
N THR A 743 1.32 6.02 -6.53
CA THR A 743 0.55 7.04 -5.82
C THR A 743 1.02 7.07 -4.37
N ARG A 744 1.24 8.28 -3.85
CA ARG A 744 1.82 8.48 -2.53
C ARG A 744 0.91 9.40 -1.72
N THR A 745 0.84 9.15 -0.41
CA THR A 745 0.02 9.96 0.48
C THR A 745 0.47 9.74 1.91
N GLU A 746 0.79 10.82 2.62
CA GLU A 746 1.23 10.70 4.00
C GLU A 746 0.91 11.98 4.77
N PHE A 747 0.41 11.80 5.99
CA PHE A 747 0.04 12.90 6.89
C PHE A 747 0.63 12.63 8.27
N GLY A 748 0.91 13.70 9.00
CA GLY A 748 1.48 13.56 10.33
C GLY A 748 1.13 14.68 11.28
N LEU A 749 0.96 14.33 12.56
CA LEU A 749 0.63 15.30 13.61
C LEU A 749 1.46 15.00 14.84
N LEU A 750 2.02 16.05 15.45
CA LEU A 750 2.77 15.93 16.70
C LEU A 750 2.01 16.74 17.75
N GLY A 751 1.01 16.10 18.38
CA GLY A 751 0.17 16.78 19.34
C GLY A 751 0.79 16.90 20.71
N HIS A 752 0.17 17.71 21.55
CA HIS A 752 0.69 18.01 22.87
C HIS A 752 -0.43 17.97 23.90
N TYR A 753 -0.11 17.41 25.08
CA TYR A 753 -1.09 17.37 26.16
C TYR A 753 -1.33 18.75 26.77
N ASN A 754 -0.30 19.59 26.81
CA ASN A 754 -0.36 20.90 27.46
C ASN A 754 0.15 21.95 26.49
N LYS A 755 -0.53 23.11 26.48
CA LYS A 755 -0.26 24.12 25.46
C LYS A 755 1.16 24.66 25.55
N TYR A 756 1.73 24.72 26.76
CA TYR A 756 3.04 25.34 26.95
C TYR A 756 4.18 24.34 26.95
N LYS A 757 3.95 23.11 27.37
CA LYS A 757 5.00 22.09 27.44
C LYS A 757 5.10 21.29 26.15
N LYS A 758 5.23 21.98 25.02
CA LYS A 758 5.38 21.31 23.74
C LYS A 758 6.79 20.75 23.60
N SER A 759 6.88 19.56 23.00
CA SER A 759 8.15 18.84 22.95
C SER A 759 9.13 19.54 22.02
N PRO A 760 10.38 19.73 22.44
CA PRO A 760 11.41 20.23 21.51
C PRO A 760 12.04 19.16 20.66
N PHE A 761 11.74 17.89 20.92
CA PHE A 761 12.35 16.76 20.21
C PHE A 761 11.28 15.96 19.50
N GLY A 762 11.69 15.33 18.40
CA GLY A 762 10.77 14.54 17.59
C GLY A 762 9.99 15.31 16.55
N THR A 763 10.29 16.59 16.37
CA THR A 763 9.57 17.40 15.40
C THR A 763 9.92 16.98 13.97
N PHE A 764 9.14 17.47 13.02
CA PHE A 764 9.31 17.12 11.62
C PHE A 764 10.15 18.17 10.91
N ASP A 765 10.90 17.71 9.91
CA ASP A 765 11.75 18.58 9.10
C ASP A 765 11.59 18.16 7.66
N VAL A 766 11.29 19.12 6.78
CA VAL A 766 10.77 18.81 5.45
C VAL A 766 11.43 19.71 4.41
N GLY A 767 11.67 19.14 3.23
CA GLY A 767 12.25 19.84 2.08
C GLY A 767 13.50 19.12 1.63
N GLY A 768 13.54 18.80 0.34
CA GLY A 768 14.74 18.22 -0.23
C GLY A 768 14.81 16.71 -0.23
N ASP A 769 16.04 16.19 -0.09
CA ASP A 769 16.28 14.76 -0.25
C ASP A 769 15.79 13.93 0.93
N GLY A 770 15.70 14.52 2.11
CA GLY A 770 15.34 13.80 3.32
C GLY A 770 16.50 13.10 4.00
N MET A 771 17.40 12.49 3.20
CA MET A 771 18.56 11.81 3.76
C MET A 771 19.47 12.75 4.53
N THR A 772 19.51 14.03 4.14
CA THR A 772 20.43 14.97 4.79
C THR A 772 20.13 15.10 6.28
N GLY A 773 18.88 14.91 6.68
CA GLY A 773 18.50 15.05 8.07
C GLY A 773 19.12 14.03 9.00
N TYR A 774 19.53 12.86 8.48
CA TYR A 774 20.13 11.84 9.34
C TYR A 774 21.56 12.17 9.76
N SER A 775 22.00 13.41 9.55
CA SER A 775 23.10 13.94 10.34
C SER A 775 22.68 14.26 11.77
N SER A 776 21.37 14.22 12.05
CA SER A 776 20.83 14.42 13.39
C SER A 776 19.73 13.39 13.64
N TYR A 777 19.53 13.05 14.92
CA TYR A 777 18.62 11.97 15.29
C TYR A 777 17.52 12.40 16.27
N ALA A 778 17.38 13.69 16.56
CA ALA A 778 16.31 14.17 17.40
C ALA A 778 15.15 14.75 16.60
N THR A 779 15.18 14.60 15.27
CA THR A 779 14.11 15.07 14.40
C THR A 779 13.82 13.99 13.36
N GLU A 780 12.66 14.10 12.72
CA GLU A 780 12.24 13.20 11.66
C GLU A 780 12.25 13.97 10.36
N SER A 781 13.02 13.49 9.38
CA SER A 781 13.27 14.19 8.13
C SER A 781 12.37 13.64 7.03
N ILE A 782 11.74 14.53 6.29
CA ILE A 782 10.74 14.18 5.29
C ILE A 782 11.14 14.82 3.96
N ALA A 783 11.33 13.98 2.94
CA ALA A 783 11.65 14.50 1.62
C ALA A 783 10.45 15.23 1.02
N LEU A 784 10.72 16.36 0.39
CA LEU A 784 9.73 17.05 -0.43
C LEU A 784 10.47 17.56 -1.66
N ARG A 785 10.21 16.95 -2.81
CA ARG A 785 11.11 17.03 -3.95
C ARG A 785 10.88 18.31 -4.73
N GLY A 786 11.97 19.02 -5.02
CA GLY A 786 11.92 20.28 -5.72
C GLY A 786 12.12 21.51 -4.89
N TYR A 787 12.50 21.37 -3.61
CA TYR A 787 12.66 22.52 -2.71
C TYR A 787 13.92 22.34 -1.87
N GLU A 788 15.05 22.83 -2.40
CA GLU A 788 16.34 22.92 -1.72
C GLU A 788 16.58 21.75 -0.77
N ASN A 789 16.81 22.04 0.52
CA ASN A 789 16.86 21.03 1.57
C ASN A 789 16.42 21.67 2.88
N SER A 790 15.51 20.99 3.59
CA SER A 790 15.00 21.47 4.88
C SER A 790 14.50 22.91 4.78
N SER A 791 13.89 23.23 3.63
CA SER A 791 13.60 24.63 3.31
C SER A 791 12.31 25.10 3.97
N LEU A 792 11.28 24.26 4.01
CA LEU A 792 9.99 24.68 4.56
C LEU A 792 9.99 24.76 6.08
N THR A 793 11.05 24.26 6.74
CA THR A 793 11.12 24.20 8.20
C THR A 793 12.48 24.74 8.64
N PRO A 794 12.65 26.07 8.66
CA PRO A 794 13.91 26.63 9.14
C PRO A 794 13.94 26.80 10.65
N TYR A 795 15.05 27.34 11.16
CA TYR A 795 15.23 27.51 12.59
C TYR A 795 14.14 28.39 13.18
N GLY A 796 13.53 27.91 14.26
CA GLY A 796 12.42 28.61 14.89
C GLY A 796 11.06 28.33 14.30
N LYS A 797 10.98 27.52 13.24
CA LYS A 797 9.72 27.11 12.64
C LYS A 797 9.68 25.60 12.45
N GLU A 798 10.05 24.88 13.51
CA GLU A 798 10.04 23.42 13.48
C GLU A 798 8.63 22.90 13.22
N GLY A 799 8.53 21.83 12.44
CA GLY A 799 7.26 21.31 12.00
C GLY A 799 6.55 20.41 12.99
N TYR A 800 5.33 20.80 13.37
CA TYR A 800 4.50 20.00 14.26
C TYR A 800 3.32 19.35 13.53
N ALA A 801 3.24 19.54 12.21
CA ALA A 801 2.25 18.87 11.37
C ALA A 801 2.71 18.98 9.92
N TYR A 802 2.43 17.95 9.13
CA TYR A 802 2.86 17.97 7.74
C TYR A 802 1.89 17.16 6.88
N ALA A 803 2.01 17.37 5.57
CA ALA A 803 1.26 16.61 4.59
C ALA A 803 2.09 16.51 3.32
N ARG A 804 1.98 15.38 2.63
CA ARG A 804 2.70 15.20 1.38
C ARG A 804 1.93 14.24 0.48
N LEU A 805 1.85 14.58 -0.81
CA LEU A 805 1.05 13.85 -1.78
C LEU A 805 1.82 13.76 -3.09
N GLY A 806 1.48 12.77 -3.92
CA GLY A 806 2.15 12.66 -5.21
C GLY A 806 1.78 11.53 -6.15
N ILE A 807 1.73 11.85 -7.45
CA ILE A 807 1.63 10.88 -8.54
C ILE A 807 3.03 10.65 -9.12
N GLU A 808 3.35 9.39 -9.39
CA GLU A 808 4.56 9.04 -10.13
C GLU A 808 4.24 8.00 -11.20
N LEU A 809 4.79 8.22 -12.39
CA LEU A 809 4.67 7.29 -13.51
C LEU A 809 6.05 6.74 -13.83
N ARG A 810 6.20 5.42 -13.79
CA ARG A 810 7.51 4.80 -13.82
C ARG A 810 7.61 3.73 -14.90
N TYR A 811 8.78 3.62 -15.52
CA TYR A 811 9.10 2.65 -16.56
C TYR A 811 10.48 2.06 -16.26
N PRO A 812 10.61 0.74 -16.20
CA PRO A 812 11.92 0.14 -15.94
C PRO A 812 12.71 -0.11 -17.21
N LEU A 813 14.00 0.21 -17.16
CA LEU A 813 14.90 -0.07 -18.26
C LEU A 813 15.44 -1.50 -18.21
N MET A 814 15.72 -2.00 -17.01
CA MET A 814 16.26 -3.35 -16.85
C MET A 814 15.87 -3.88 -15.49
N LEU A 815 15.51 -5.16 -15.44
CA LEU A 815 15.21 -5.88 -14.20
C LEU A 815 15.96 -7.19 -14.22
N GLU A 816 16.94 -7.34 -13.32
CA GLU A 816 17.82 -8.50 -13.31
C GLU A 816 18.21 -8.83 -11.89
N THR A 817 18.88 -9.98 -11.73
CA THR A 817 19.25 -10.46 -10.39
C THR A 817 20.20 -9.51 -9.69
N SER A 818 21.18 -8.96 -10.42
CA SER A 818 22.22 -8.15 -9.82
C SER A 818 21.84 -6.67 -9.74
N THR A 819 21.28 -6.12 -10.81
CA THR A 819 20.99 -4.69 -10.89
C THR A 819 19.62 -4.45 -11.50
N ASN A 820 18.96 -3.38 -11.06
CA ASN A 820 17.62 -3.02 -11.49
C ASN A 820 17.56 -1.52 -11.73
N ILE A 821 16.91 -1.11 -12.82
CA ILE A 821 16.94 0.29 -13.27
C ILE A 821 15.52 0.73 -13.64
N TYR A 822 15.16 1.95 -13.28
CA TYR A 822 13.90 2.52 -13.76
C TYR A 822 13.94 4.04 -13.77
N VAL A 823 13.09 4.63 -14.60
CA VAL A 823 12.98 6.06 -14.84
C VAL A 823 11.54 6.49 -14.57
N LEU A 824 11.36 7.73 -14.11
CA LEU A 824 10.04 8.16 -13.66
C LEU A 824 9.85 9.66 -13.88
N GLY A 825 8.58 10.04 -13.99
CA GLY A 825 8.18 11.44 -13.90
C GLY A 825 7.13 11.58 -12.81
N PHE A 826 7.09 12.75 -12.18
CA PHE A 826 6.35 12.88 -10.94
C PHE A 826 5.65 14.23 -10.83
N LEU A 827 4.57 14.24 -10.05
CA LEU A 827 3.92 15.44 -9.56
C LEU A 827 3.84 15.34 -8.05
N GLU A 828 4.25 16.40 -7.34
CA GLU A 828 4.26 16.37 -5.89
C GLU A 828 3.70 17.66 -5.30
N ALA A 829 3.15 17.54 -4.10
CA ALA A 829 2.72 18.67 -3.30
C ALA A 829 2.89 18.32 -1.82
N GLY A 830 3.36 19.30 -1.04
CA GLY A 830 3.58 19.07 0.38
C GLY A 830 3.75 20.38 1.11
N ASN A 831 3.66 20.28 2.44
CA ASN A 831 3.75 21.45 3.31
C ASN A 831 3.95 20.99 4.74
N ALA A 832 4.31 21.94 5.61
CA ALA A 832 4.43 21.68 7.04
C ALA A 832 4.14 22.95 7.80
N TRP A 833 3.63 22.79 9.02
CA TRP A 833 3.18 23.90 9.85
C TRP A 833 3.86 23.87 11.21
N HIS A 834 4.25 25.04 11.69
CA HIS A 834 4.77 25.17 13.05
C HIS A 834 3.67 25.09 14.10
N ASP A 835 2.41 25.32 13.71
CA ASP A 835 1.28 25.29 14.63
C ASP A 835 0.30 24.25 14.11
N ILE A 836 -0.03 23.28 14.97
CA ILE A 836 -0.90 22.18 14.55
C ILE A 836 -2.31 22.67 14.25
N SER A 837 -2.76 23.74 14.92
CA SER A 837 -4.12 24.22 14.72
C SER A 837 -4.33 24.88 13.37
N LYS A 838 -3.27 25.11 12.60
CA LYS A 838 -3.39 25.69 11.27
C LYS A 838 -3.12 24.66 10.17
N PHE A 839 -3.25 23.38 10.49
CA PHE A 839 -3.13 22.30 9.50
C PHE A 839 -4.17 22.49 8.40
N ASN A 840 -3.72 22.39 7.15
CA ASN A 840 -4.57 22.70 6.00
C ASN A 840 -4.06 21.89 4.81
N PRO A 841 -4.55 20.67 4.60
CA PRO A 841 -4.02 19.83 3.53
C PRO A 841 -4.34 20.29 2.12
N PHE A 842 -5.10 21.37 1.96
CA PHE A 842 -5.43 21.91 0.65
C PHE A 842 -4.64 23.17 0.31
N ASP A 843 -3.62 23.49 1.12
CA ASP A 843 -2.72 24.62 0.86
C ASP A 843 -1.31 24.05 0.86
N LEU A 844 -0.78 23.74 -0.32
CA LEU A 844 0.44 22.96 -0.44
C LEU A 844 1.43 23.65 -1.38
N LYS A 845 2.71 23.40 -1.11
CA LYS A 845 3.78 23.79 -2.03
C LYS A 845 3.94 22.69 -3.08
N ARG A 846 4.01 23.08 -4.34
CA ARG A 846 3.79 22.18 -5.46
C ARG A 846 5.02 22.07 -6.36
N SER A 847 5.17 20.90 -6.99
CA SER A 847 6.40 20.56 -7.70
C SER A 847 6.11 19.53 -8.79
N ALA A 848 7.05 19.43 -9.73
CA ALA A 848 7.00 18.44 -10.80
C ALA A 848 8.40 18.26 -11.37
N GLY A 849 8.64 17.09 -11.97
CA GLY A 849 9.94 16.80 -12.54
C GLY A 849 10.13 15.41 -13.09
N ILE A 850 11.38 14.92 -13.03
CA ILE A 850 11.75 13.66 -13.66
C ILE A 850 12.97 13.10 -12.94
N GLY A 851 13.19 11.80 -13.05
CA GLY A 851 14.33 11.20 -12.36
C GLY A 851 14.55 9.75 -12.74
N VAL A 852 15.68 9.21 -12.25
CA VAL A 852 16.10 7.83 -12.50
C VAL A 852 16.71 7.25 -11.24
N ARG A 853 16.68 5.92 -11.11
CA ARG A 853 17.25 5.22 -9.97
C ARG A 853 17.98 3.95 -10.38
N ILE A 854 18.94 3.55 -9.55
CA ILE A 854 19.85 2.44 -9.79
C ILE A 854 19.88 1.57 -8.54
N PHE A 855 19.76 0.25 -8.70
CA PHE A 855 19.99 -0.69 -7.61
C PHE A 855 21.25 -1.50 -7.90
N LEU A 856 22.17 -1.52 -6.94
CA LEU A 856 23.52 -2.05 -7.12
C LEU A 856 23.62 -3.46 -6.57
N PRO A 857 24.56 -4.26 -7.09
CA PRO A 857 24.69 -5.65 -6.61
C PRO A 857 25.07 -5.75 -5.13
N MET A 858 25.88 -4.82 -4.62
CA MET A 858 26.39 -4.89 -3.26
C MET A 858 26.21 -3.56 -2.54
N ILE A 859 25.27 -2.73 -3.01
CA ILE A 859 24.92 -1.45 -2.39
C ILE A 859 23.42 -1.27 -2.63
N GLY A 860 22.80 -0.35 -1.89
CA GLY A 860 21.39 -0.04 -2.07
C GLY A 860 21.12 0.83 -3.29
N MET A 861 20.05 1.62 -3.22
CA MET A 861 19.73 2.58 -4.27
C MET A 861 20.74 3.71 -4.38
N MET A 862 20.90 4.21 -5.60
CA MET A 862 21.41 5.54 -5.91
C MET A 862 20.59 6.08 -7.08
N GLY A 863 20.24 7.36 -7.03
CA GLY A 863 19.37 7.90 -8.06
C GLY A 863 19.47 9.40 -8.18
N ILE A 864 18.91 9.89 -9.29
CA ILE A 864 19.00 11.30 -9.66
C ILE A 864 17.58 11.81 -9.85
N ASP A 865 17.21 12.89 -9.16
CA ASP A 865 15.90 13.51 -9.32
C ASP A 865 16.05 14.99 -9.60
N TRP A 866 15.36 15.48 -10.63
CA TRP A 866 15.26 16.89 -10.94
C TRP A 866 13.82 17.34 -10.74
N GLY A 867 13.64 18.51 -10.14
CA GLY A 867 12.31 19.02 -9.88
C GLY A 867 12.28 20.53 -9.90
N TYR A 868 11.15 21.07 -10.35
CA TYR A 868 10.93 22.51 -10.43
C TYR A 868 9.86 22.91 -9.42
N GLY A 869 10.26 23.71 -8.43
CA GLY A 869 9.34 24.20 -7.42
C GLY A 869 8.61 25.45 -7.86
N PHE A 870 7.29 25.35 -8.02
CA PHE A 870 6.51 26.41 -8.62
C PHE A 870 6.16 27.53 -7.65
N ASP A 871 6.02 27.23 -6.36
CA ASP A 871 5.40 28.15 -5.42
C ASP A 871 6.41 28.67 -4.40
N LYS A 872 6.20 29.92 -3.98
CA LYS A 872 7.09 30.61 -3.08
C LYS A 872 6.92 30.09 -1.64
N ILE A 873 7.97 30.28 -0.84
CA ILE A 873 7.99 29.85 0.56
C ILE A 873 8.17 31.09 1.43
N ASN A 874 7.22 31.30 2.34
CA ASN A 874 7.24 32.42 3.29
C ASN A 874 7.39 33.76 2.57
N GLY A 875 6.81 33.87 1.37
CA GLY A 875 6.86 35.08 0.60
C GLY A 875 8.09 35.25 -0.28
N SER A 876 9.04 34.32 -0.23
CA SER A 876 10.27 34.41 -1.00
C SER A 876 10.33 33.31 -2.04
N LYS A 877 10.77 33.67 -3.24
CA LYS A 877 10.93 32.74 -4.35
C LYS A 877 12.34 32.15 -4.40
N GLU A 878 13.16 32.41 -3.38
CA GLU A 878 14.56 32.02 -3.41
C GLU A 878 14.74 30.51 -3.48
N TYR A 879 13.85 29.75 -2.85
CA TYR A 879 14.01 28.31 -2.75
C TYR A 879 13.32 27.53 -3.86
N GLY A 880 12.54 28.19 -4.70
CA GLY A 880 11.83 27.53 -5.78
C GLY A 880 12.69 27.32 -7.00
N GLY A 881 12.02 27.12 -8.13
CA GLY A 881 12.71 26.93 -9.38
C GLY A 881 13.35 25.56 -9.51
N SER A 882 14.32 25.47 -10.42
CA SER A 882 14.97 24.21 -10.71
C SER A 882 15.82 23.76 -9.52
N GLN A 883 15.72 22.47 -9.19
CA GLN A 883 16.46 21.88 -8.08
C GLN A 883 16.85 20.45 -8.45
N PHE A 884 17.95 19.98 -7.87
CA PHE A 884 18.42 18.62 -8.06
C PHE A 884 18.56 17.92 -6.71
N HIS A 885 18.20 16.63 -6.67
CA HIS A 885 18.30 15.82 -5.48
C HIS A 885 19.00 14.51 -5.81
N PHE A 886 19.77 14.01 -4.85
CA PHE A 886 20.73 12.92 -5.07
C PHE A 886 20.45 11.85 -4.01
N ILE A 887 19.55 10.91 -4.31
CA ILE A 887 19.06 9.96 -3.32
C ILE A 887 20.03 8.79 -3.19
N LEU A 888 20.19 8.30 -1.96
CA LEU A 888 21.07 7.20 -1.65
C LEU A 888 20.41 6.30 -0.61
N GLY A 889 20.84 5.04 -0.56
CA GLY A 889 20.26 4.10 0.38
C GLY A 889 18.87 3.66 -0.04
N GLN A 890 17.86 4.13 0.68
CA GLN A 890 16.47 3.94 0.28
C GLN A 890 15.61 4.95 1.02
N GLU A 891 14.57 5.45 0.36
CA GLU A 891 13.67 6.42 0.97
C GLU A 891 12.98 5.84 2.20
N MET B 72 48.55 -35.45 -15.73
CA MET B 72 47.84 -35.85 -14.53
C MET B 72 47.90 -34.74 -13.49
N LEU B 73 46.74 -34.29 -12.98
CA LEU B 73 46.71 -33.17 -12.06
C LEU B 73 45.83 -33.41 -10.84
N GLY B 74 44.83 -34.28 -10.95
CA GLY B 74 43.76 -34.30 -9.97
C GLY B 74 44.22 -34.56 -8.56
N MET B 75 45.20 -35.45 -8.38
CA MET B 75 45.65 -35.80 -7.04
C MET B 75 46.31 -34.62 -6.34
N SER B 76 46.93 -33.70 -7.08
CA SER B 76 47.47 -32.50 -6.47
C SER B 76 46.35 -31.60 -5.94
N TYR B 77 45.29 -31.43 -6.75
CA TYR B 77 44.15 -30.65 -6.29
C TYR B 77 43.43 -31.36 -5.14
N TYR B 78 43.48 -32.69 -5.10
CA TYR B 78 42.85 -33.44 -4.03
C TYR B 78 43.62 -33.27 -2.72
N ASN B 79 44.96 -33.21 -2.79
CA ASN B 79 45.74 -33.00 -1.58
C ASN B 79 45.59 -31.59 -1.03
N GLN B 80 45.35 -30.59 -1.88
CA GLN B 80 45.12 -29.24 -1.40
C GLN B 80 43.69 -29.01 -0.99
N LYS B 81 42.86 -30.06 -1.01
CA LYS B 81 41.46 -30.01 -0.61
C LYS B 81 40.60 -29.11 -1.50
N ASP B 82 41.04 -28.85 -2.73
CA ASP B 82 40.23 -28.10 -3.69
C ASP B 82 39.44 -29.16 -4.46
N TYR B 83 38.31 -29.55 -3.86
CA TYR B 83 37.59 -30.74 -4.34
C TYR B 83 36.96 -30.50 -5.71
N GLN B 84 36.61 -29.27 -6.06
CA GLN B 84 35.98 -29.03 -7.35
C GLN B 84 36.96 -29.29 -8.50
N THR B 85 38.16 -28.69 -8.42
CA THR B 85 39.12 -28.88 -9.51
C THR B 85 39.61 -30.32 -9.56
N ALA B 86 39.84 -30.93 -8.38
CA ALA B 86 40.22 -32.33 -8.35
C ALA B 86 39.15 -33.19 -9.02
N ALA B 87 37.89 -32.96 -8.67
CA ALA B 87 36.81 -33.73 -9.25
C ALA B 87 36.73 -33.55 -10.76
N GLN B 88 36.84 -32.31 -11.24
CA GLN B 88 36.63 -32.11 -12.67
C GLN B 88 37.84 -32.56 -13.49
N THR B 89 39.04 -32.49 -12.94
CA THR B 89 40.20 -33.03 -13.65
C THR B 89 40.25 -34.55 -13.61
N PHE B 90 39.69 -35.19 -12.58
CA PHE B 90 39.56 -36.64 -12.63
C PHE B 90 38.48 -37.07 -13.62
N ILE B 91 37.27 -36.54 -13.49
CA ILE B 91 36.14 -37.08 -14.26
C ILE B 91 36.31 -36.81 -15.75
N THR B 92 36.76 -35.61 -16.13
CA THR B 92 36.93 -35.32 -17.55
C THR B 92 37.88 -36.29 -18.22
N TYR B 93 38.78 -36.90 -17.45
CA TYR B 93 39.79 -37.77 -18.04
C TYR B 93 39.26 -39.19 -18.22
N PHE B 94 38.50 -39.69 -17.24
CA PHE B 94 37.84 -40.99 -17.41
C PHE B 94 36.47 -40.90 -18.07
N ASN B 95 35.99 -39.70 -18.42
CA ASN B 95 34.89 -39.65 -19.38
C ASN B 95 35.38 -39.66 -20.82
N THR B 96 36.49 -38.97 -21.12
CA THR B 96 36.98 -38.94 -22.49
C THR B 96 37.58 -40.27 -22.91
N TYR B 97 37.98 -41.13 -21.96
CA TYR B 97 38.52 -42.43 -22.29
C TYR B 97 38.21 -43.27 -21.05
N PRO B 98 37.64 -44.48 -21.20
CA PRO B 98 37.03 -45.17 -20.05
C PRO B 98 37.85 -45.25 -18.77
N ARG B 99 39.18 -45.38 -18.84
CA ARG B 99 39.99 -45.30 -17.64
C ARG B 99 41.02 -44.18 -17.63
N GLY B 100 41.11 -43.38 -18.69
CA GLY B 100 42.20 -42.43 -18.77
C GLY B 100 43.51 -43.20 -18.73
N THR B 101 44.35 -42.91 -17.75
CA THR B 101 45.49 -43.77 -17.50
C THR B 101 45.75 -43.93 -16.01
N PHE B 102 44.69 -43.81 -15.20
CA PHE B 102 44.82 -43.89 -13.76
C PHE B 102 43.73 -44.77 -13.14
N THR B 103 42.71 -45.15 -13.92
CA THR B 103 41.81 -46.30 -13.70
C THR B 103 41.05 -46.09 -12.39
N GLU B 104 40.97 -47.09 -11.51
CA GLU B 104 40.08 -47.03 -10.35
C GLU B 104 40.48 -45.91 -9.39
N LEU B 105 41.77 -45.58 -9.35
CA LEU B 105 42.24 -44.52 -8.47
C LEU B 105 41.57 -43.20 -8.80
N ALA B 106 41.53 -42.83 -10.08
CA ALA B 106 40.90 -41.58 -10.49
C ALA B 106 39.40 -41.60 -10.21
N ARG B 107 38.74 -42.70 -10.58
CA ARG B 107 37.30 -42.86 -10.32
C ARG B 107 36.97 -42.65 -8.85
N PHE B 108 37.69 -43.35 -7.96
CA PHE B 108 37.37 -43.35 -6.54
C PHE B 108 37.81 -42.06 -5.85
N HIS B 109 38.93 -41.48 -6.27
CA HIS B 109 39.27 -40.14 -5.79
C HIS B 109 38.21 -39.13 -6.20
N ALA B 110 37.69 -39.25 -7.42
CA ALA B 110 36.61 -38.36 -7.86
C ALA B 110 35.34 -38.59 -7.04
N GLY B 111 35.03 -39.86 -6.75
CA GLY B 111 33.85 -40.15 -5.94
C GLY B 111 33.95 -39.52 -4.55
N LYS B 112 35.09 -39.68 -3.89
CA LYS B 112 35.23 -39.08 -2.56
C LYS B 112 35.31 -37.56 -2.64
N SER B 113 35.92 -37.02 -3.69
CA SER B 113 35.97 -35.57 -3.86
C SER B 113 34.58 -34.99 -4.04
N LEU B 114 33.73 -35.67 -4.82
CA LEU B 114 32.35 -35.25 -4.98
C LEU B 114 31.57 -35.42 -3.67
N PHE B 115 31.90 -36.44 -2.89
CA PHE B 115 31.28 -36.60 -1.57
C PHE B 115 31.66 -35.47 -0.63
N LEU B 116 32.92 -35.04 -0.65
CA LEU B 116 33.43 -34.14 0.39
C LEU B 116 32.92 -32.71 0.27
N ASP B 117 32.32 -32.33 -0.86
CA ASP B 117 31.66 -31.03 -0.98
C ASP B 117 30.25 -31.02 -0.42
N THR B 118 29.84 -32.09 0.27
CA THR B 118 28.43 -32.24 0.64
C THR B 118 28.00 -31.10 1.57
N PRO B 119 26.84 -30.51 1.34
CA PRO B 119 26.37 -29.45 2.21
C PRO B 119 25.85 -30.00 3.53
N GLU B 120 25.54 -29.07 4.42
CA GLU B 120 24.83 -29.40 5.65
C GLU B 120 23.43 -29.92 5.32
N PRO B 121 22.85 -30.76 6.20
CA PRO B 121 21.70 -31.59 5.79
C PRO B 121 20.43 -30.84 5.45
N ARG B 122 20.46 -29.51 5.41
CA ARG B 122 19.26 -28.74 5.13
C ARG B 122 19.49 -27.60 4.14
N LEU B 123 20.56 -27.69 3.36
CA LEU B 123 20.81 -26.89 2.17
C LEU B 123 20.41 -27.65 0.89
N ASP B 124 20.91 -27.20 -0.27
CA ASP B 124 20.36 -27.54 -1.58
C ASP B 124 20.50 -29.02 -1.96
N GLN B 125 21.50 -29.73 -1.44
CA GLN B 125 21.68 -31.17 -1.67
C GLN B 125 22.03 -31.55 -3.10
N SER B 126 22.29 -30.58 -3.99
CA SER B 126 22.37 -30.90 -5.42
C SER B 126 23.48 -31.91 -5.71
N SER B 127 24.61 -31.80 -5.01
CA SER B 127 25.74 -32.69 -5.29
C SER B 127 25.55 -34.09 -4.72
N THR B 128 24.62 -34.28 -3.78
CA THR B 128 24.48 -35.59 -3.14
C THR B 128 23.78 -36.60 -4.04
N TYR B 129 22.73 -36.18 -4.77
CA TYR B 129 22.13 -37.07 -5.75
C TYR B 129 23.13 -37.45 -6.84
N GLN B 130 23.91 -36.47 -7.31
CA GLN B 130 24.95 -36.74 -8.30
C GLN B 130 25.98 -37.71 -7.74
N ALA B 131 26.35 -37.55 -6.47
CA ALA B 131 27.29 -38.47 -5.84
C ALA B 131 26.72 -39.88 -5.78
N ILE B 132 25.45 -40.00 -5.41
CA ILE B 132 24.83 -41.31 -5.34
C ILE B 132 24.90 -42.01 -6.69
N GLN B 133 24.48 -41.30 -7.75
CA GLN B 133 24.46 -41.95 -9.06
C GLN B 133 25.86 -42.23 -9.58
N GLN B 134 26.81 -41.33 -9.30
CA GLN B 134 28.19 -41.56 -9.74
C GLN B 134 28.79 -42.78 -9.07
N LEU B 135 28.54 -42.95 -7.77
CA LEU B 135 29.06 -44.14 -7.10
C LEU B 135 28.36 -45.41 -7.58
N GLN B 136 27.04 -45.33 -7.83
CA GLN B 136 26.34 -46.50 -8.34
C GLN B 136 26.88 -46.94 -9.69
N MET B 137 27.21 -45.98 -10.56
CA MET B 137 27.76 -46.32 -11.87
C MET B 137 29.22 -46.76 -11.78
N PHE B 138 29.96 -46.27 -10.78
CA PHE B 138 31.27 -46.84 -10.47
C PHE B 138 31.18 -48.31 -10.08
N MET B 139 30.21 -48.69 -9.26
CA MET B 139 30.14 -50.09 -8.85
C MET B 139 29.99 -51.03 -10.04
N GLU B 140 29.41 -50.56 -11.14
CA GLU B 140 29.23 -51.43 -12.30
C GLU B 140 30.27 -51.23 -13.40
N TYR B 141 31.02 -50.12 -13.39
CA TYR B 141 32.19 -50.07 -14.27
C TYR B 141 33.35 -50.91 -13.75
N PHE B 142 33.52 -50.97 -12.44
CA PHE B 142 34.63 -51.70 -11.82
C PHE B 142 34.10 -52.55 -10.66
N PRO B 143 33.29 -53.57 -10.95
CA PRO B 143 32.81 -54.44 -9.87
C PRO B 143 33.91 -55.25 -9.22
N ASN B 144 35.08 -55.35 -9.87
CA ASN B 144 36.21 -56.10 -9.33
C ASN B 144 36.89 -55.36 -8.19
N SER B 145 36.66 -54.05 -8.07
CA SER B 145 37.49 -53.20 -7.21
C SER B 145 37.25 -53.48 -5.73
N THR B 146 38.33 -53.37 -4.95
CA THR B 146 38.19 -53.36 -3.50
C THR B 146 37.50 -52.10 -3.00
N LYS B 147 37.42 -51.06 -3.83
CA LYS B 147 36.74 -49.82 -3.48
C LYS B 147 35.23 -49.91 -3.64
N LYS B 148 34.70 -51.08 -4.00
CA LYS B 148 33.25 -51.27 -4.01
C LYS B 148 32.66 -51.12 -2.62
N GLN B 149 33.33 -51.66 -1.59
CA GLN B 149 32.92 -51.45 -0.21
C GLN B 149 32.99 -49.98 0.18
N GLU B 150 34.06 -49.32 -0.25
CA GLU B 150 34.30 -47.93 0.16
C GLU B 150 33.30 -47.00 -0.51
N ALA B 151 32.68 -47.44 -1.60
CA ALA B 151 31.53 -46.77 -2.19
C ALA B 151 30.22 -47.21 -1.54
N GLN B 152 30.15 -48.45 -1.07
CA GLN B 152 28.92 -48.96 -0.45
C GLN B 152 28.56 -48.17 0.79
N ASP B 153 29.50 -48.06 1.73
CA ASP B 153 29.17 -47.31 2.94
C ASP B 153 29.03 -45.81 2.66
N MET B 154 29.67 -45.31 1.60
CA MET B 154 29.49 -43.91 1.23
C MET B 154 28.07 -43.64 0.73
N ILE B 155 27.53 -44.52 -0.11
CA ILE B 155 26.15 -44.32 -0.56
C ILE B 155 25.18 -44.50 0.60
N PHE B 156 25.49 -45.36 1.57
CA PHE B 156 24.66 -45.41 2.77
C PHE B 156 24.69 -44.10 3.55
N ALA B 157 25.88 -43.52 3.75
CA ALA B 157 25.94 -42.24 4.46
C ALA B 157 25.14 -41.16 3.73
N LEU B 158 25.27 -41.12 2.41
CA LEU B 158 24.51 -40.15 1.62
C LEU B 158 23.01 -40.38 1.76
N GLN B 159 22.58 -41.64 1.73
CA GLN B 159 21.16 -41.93 1.87
C GLN B 159 20.64 -41.48 3.24
N ASP B 160 21.44 -41.67 4.29
CA ASP B 160 21.01 -41.19 5.60
C ASP B 160 20.91 -39.67 5.63
N LYS B 161 21.81 -38.96 4.96
CA LYS B 161 21.67 -37.49 4.91
C LYS B 161 20.40 -37.07 4.16
N LEU B 162 20.14 -37.71 3.02
CA LEU B 162 18.90 -37.41 2.28
C LEU B 162 17.66 -37.67 3.13
N VAL B 163 17.70 -38.72 3.95
CA VAL B 163 16.57 -39.00 4.84
C VAL B 163 16.50 -37.97 5.95
N LEU B 164 17.64 -37.51 6.44
CA LEU B 164 17.65 -36.51 7.50
C LEU B 164 16.99 -35.21 7.05
N LYS B 165 17.14 -34.86 5.77
CA LYS B 165 16.46 -33.66 5.26
C LYS B 165 14.94 -33.80 5.40
N GLU B 166 14.40 -34.94 4.96
CA GLU B 166 12.97 -35.19 5.06
C GLU B 166 12.52 -35.29 6.52
N LEU B 167 13.38 -35.80 7.39
CA LEU B 167 13.07 -35.87 8.81
C LEU B 167 12.93 -34.47 9.41
N TYR B 168 13.83 -33.55 9.04
CA TYR B 168 13.68 -32.17 9.48
C TYR B 168 12.40 -31.55 8.95
N SER B 169 12.03 -31.87 7.70
CA SER B 169 10.77 -31.35 7.16
C SER B 169 9.58 -31.81 8.01
N ALA B 170 9.52 -33.11 8.31
CA ALA B 170 8.42 -33.63 9.11
C ALA B 170 8.42 -33.03 10.51
N LYS B 171 9.61 -32.85 11.09
CA LYS B 171 9.70 -32.20 12.40
C LYS B 171 9.15 -30.77 12.35
N LEU B 172 9.43 -30.05 11.27
CA LEU B 172 8.90 -28.69 11.15
C LEU B 172 7.38 -28.70 11.16
N TYR B 173 6.77 -29.61 10.37
CA TYR B 173 5.32 -29.67 10.39
C TYR B 173 4.77 -30.06 11.75
N TYR B 174 5.47 -30.90 12.51
CA TYR B 174 5.01 -31.15 13.87
C TYR B 174 5.16 -29.92 14.76
N ASN B 175 6.24 -29.15 14.57
CA ASN B 175 6.46 -27.97 15.41
C ASN B 175 5.38 -26.92 15.18
N LEU B 176 5.04 -26.65 13.92
CA LEU B 176 4.00 -25.65 13.65
C LEU B 176 2.65 -26.11 14.15
N GLY B 177 2.26 -27.33 13.80
CA GLY B 177 1.05 -27.90 14.35
C GLY B 177 -0.24 -27.40 13.74
N ASN B 178 -1.26 -27.20 14.59
CA ASN B 178 -2.60 -26.90 14.12
C ASN B 178 -2.77 -25.41 13.82
N TYR B 179 -1.68 -24.76 13.42
CA TYR B 179 -1.71 -23.42 12.89
C TYR B 179 -2.47 -23.41 11.56
N LEU B 180 -2.54 -22.25 10.91
CA LEU B 180 -3.33 -22.12 9.70
C LEU B 180 -2.94 -23.19 8.69
N GLY B 181 -3.94 -23.88 8.15
CA GLY B 181 -3.71 -25.15 7.49
C GLY B 181 -3.99 -26.27 8.47
N ASN B 182 -3.32 -27.42 8.31
CA ASN B 182 -3.41 -28.48 9.32
C ASN B 182 -2.06 -28.87 9.89
N ASN B 183 -1.12 -29.31 9.05
CA ASN B 183 0.29 -29.61 9.34
C ASN B 183 0.56 -30.85 10.20
N TYR B 184 -0.45 -31.44 10.84
CA TYR B 184 -0.20 -32.72 11.52
C TYR B 184 -0.46 -33.92 10.62
N GLU B 185 -1.45 -33.84 9.73
CA GLU B 185 -1.61 -34.86 8.71
C GLU B 185 -0.44 -34.81 7.72
N SER B 186 0.03 -33.59 7.45
CA SER B 186 1.21 -33.41 6.62
C SER B 186 2.44 -34.10 7.22
N CYS B 187 2.60 -34.01 8.54
CA CYS B 187 3.75 -34.63 9.19
C CYS B 187 3.77 -36.13 8.97
N VAL B 188 2.63 -36.80 9.18
CA VAL B 188 2.60 -38.24 9.04
C VAL B 188 2.84 -38.65 7.59
N ILE B 189 2.24 -37.93 6.62
CA ILE B 189 2.52 -38.38 5.25
C ILE B 189 3.95 -38.07 4.84
N THR B 190 4.55 -36.99 5.35
CA THR B 190 5.95 -36.70 5.02
C THR B 190 6.87 -37.79 5.53
N ALA B 191 6.72 -38.16 6.81
CA ALA B 191 7.61 -39.18 7.35
C ALA B 191 7.31 -40.56 6.78
N GLN B 192 6.05 -40.84 6.43
CA GLN B 192 5.74 -42.09 5.74
C GLN B 192 6.41 -42.13 4.36
N ASN B 193 6.39 -41.01 3.65
CA ASN B 193 7.11 -40.94 2.38
C ASN B 193 8.59 -41.21 2.58
N ALA B 194 9.15 -40.69 3.68
CA ALA B 194 10.54 -41.00 4.02
C ALA B 194 10.75 -42.50 4.21
N LEU B 195 9.86 -43.14 4.97
CA LEU B 195 10.01 -44.57 5.24
C LEU B 195 9.92 -45.39 3.96
N LYS B 196 9.04 -45.01 3.04
CA LYS B 196 8.88 -45.77 1.81
C LYS B 196 10.00 -45.51 0.80
N ASP B 197 10.52 -44.27 0.76
CA ASP B 197 11.50 -43.93 -0.28
C ASP B 197 12.90 -44.45 0.03
N TYR B 198 13.23 -44.64 1.31
CA TYR B 198 14.54 -45.15 1.71
C TYR B 198 14.32 -46.17 2.83
N PRO B 199 14.06 -47.42 2.47
CA PRO B 199 13.53 -48.38 3.45
C PRO B 199 14.45 -48.69 4.64
N TYR B 200 15.77 -48.70 4.47
CA TYR B 200 16.66 -49.36 5.42
C TYR B 200 17.57 -48.39 6.17
N THR B 201 17.14 -47.13 6.32
CA THR B 201 17.95 -46.11 6.95
C THR B 201 18.03 -46.31 8.46
N ASP B 202 18.99 -45.61 9.07
CA ASP B 202 19.08 -45.61 10.53
C ASP B 202 17.84 -44.96 11.15
N TYR B 203 17.34 -43.88 10.55
CA TYR B 203 16.36 -43.01 11.18
C TYR B 203 14.95 -43.59 11.20
N ARG B 204 14.82 -44.90 10.98
CA ARG B 204 13.50 -45.53 10.98
C ARG B 204 12.82 -45.41 12.34
N GLU B 205 13.58 -45.52 13.43
CA GLU B 205 12.98 -45.37 14.76
C GLU B 205 12.41 -43.97 14.97
N GLU B 206 13.20 -42.94 14.65
CA GLU B 206 12.72 -41.56 14.81
C GLU B 206 11.50 -41.30 13.93
N LEU B 207 11.53 -41.78 12.68
CA LEU B 207 10.40 -41.58 11.80
C LEU B 207 9.15 -42.27 12.34
N SER B 208 9.29 -43.48 12.86
CA SER B 208 8.13 -44.21 13.39
C SER B 208 7.54 -43.51 14.60
N ILE B 209 8.39 -43.07 15.54
CA ILE B 209 7.85 -42.41 16.72
C ILE B 209 7.22 -41.07 16.34
N LEU B 210 7.75 -40.41 15.30
CA LEU B 210 7.12 -39.18 14.83
C LEU B 210 5.75 -39.45 14.24
N ILE B 211 5.60 -40.55 13.49
CA ILE B 211 4.27 -40.99 13.06
C ILE B 211 3.33 -41.15 14.25
N LEU B 212 3.80 -41.85 15.29
CA LEU B 212 2.91 -42.12 16.42
C LEU B 212 2.47 -40.82 17.11
N ARG B 213 3.42 -39.92 17.34
CA ARG B 213 3.10 -38.65 17.99
C ARG B 213 2.14 -37.82 17.15
N ALA B 214 2.38 -37.74 15.84
CA ALA B 214 1.48 -36.98 14.97
C ALA B 214 0.11 -37.61 14.87
N ARG B 215 0.03 -38.95 14.91
CA ARG B 215 -1.26 -39.64 14.90
C ARG B 215 -2.09 -39.24 16.10
N HIS B 216 -1.50 -39.33 17.30
CA HIS B 216 -2.24 -38.93 18.50
C HIS B 216 -2.61 -37.44 18.45
N GLU B 217 -1.70 -36.61 17.95
CA GLU B 217 -1.94 -35.18 17.89
C GLU B 217 -3.13 -34.86 16.99
N MET B 218 -3.21 -35.53 15.83
CA MET B 218 -4.37 -35.36 14.96
C MET B 218 -5.64 -35.90 15.62
N ALA B 219 -5.53 -37.01 16.33
CA ALA B 219 -6.71 -37.58 16.99
C ALA B 219 -7.31 -36.60 18.00
N ILE B 220 -6.48 -35.81 18.66
CA ILE B 220 -7.01 -34.88 19.66
C ILE B 220 -7.89 -33.81 19.02
N TYR B 221 -7.41 -33.18 17.93
CA TYR B 221 -8.03 -31.97 17.41
C TYR B 221 -9.04 -32.21 16.29
N SER B 222 -9.36 -33.47 15.97
CA SER B 222 -10.27 -33.75 14.87
C SER B 222 -11.72 -33.46 15.29
N VAL B 223 -12.59 -33.38 14.27
CA VAL B 223 -14.00 -33.09 14.52
C VAL B 223 -14.69 -34.29 15.17
N GLU B 224 -15.76 -34.01 15.92
CA GLU B 224 -16.36 -35.00 16.81
C GLU B 224 -16.96 -36.19 16.06
N ASP B 225 -17.23 -36.07 14.76
CA ASP B 225 -17.70 -37.22 14.00
C ASP B 225 -16.56 -38.15 13.58
N LYS B 226 -15.31 -37.72 13.71
CA LYS B 226 -14.19 -38.38 13.05
C LYS B 226 -12.99 -38.47 14.02
N LYS B 227 -13.22 -39.00 15.22
CA LYS B 227 -12.12 -39.15 16.18
C LYS B 227 -11.78 -40.60 16.49
N MET B 228 -12.77 -41.49 16.57
CA MET B 228 -12.50 -42.88 16.90
C MET B 228 -11.60 -43.54 15.85
N ASP B 229 -11.78 -43.18 14.58
CA ASP B 229 -10.92 -43.74 13.53
C ASP B 229 -9.48 -43.29 13.70
N ARG B 230 -9.26 -42.01 14.03
CA ARG B 230 -7.89 -41.56 14.26
C ARG B 230 -7.28 -42.22 15.50
N TYR B 231 -8.10 -42.44 16.55
CA TYR B 231 -7.60 -43.16 17.72
C TYR B 231 -7.18 -44.59 17.37
N ARG B 232 -7.99 -45.30 16.57
CA ARG B 232 -7.59 -46.65 16.22
C ARG B 232 -6.40 -46.66 15.26
N GLU B 233 -6.25 -45.64 14.42
CA GLU B 233 -5.02 -45.51 13.64
C GLU B 233 -3.81 -45.32 14.55
N THR B 234 -3.98 -44.53 15.61
CA THR B 234 -2.89 -44.33 16.58
C THR B 234 -2.52 -45.63 17.26
N ILE B 235 -3.51 -46.41 17.70
CA ILE B 235 -3.18 -47.66 18.39
C ILE B 235 -2.57 -48.67 17.41
N ASP B 236 -3.00 -48.64 16.15
CA ASP B 236 -2.35 -49.47 15.13
C ASP B 236 -0.88 -49.10 14.99
N GLU B 237 -0.57 -47.80 14.97
CA GLU B 237 0.83 -47.38 14.89
C GLU B 237 1.61 -47.79 16.14
N TYR B 238 0.97 -47.72 17.31
CA TYR B 238 1.60 -48.24 18.53
C TYR B 238 2.00 -49.71 18.42
N TYR B 239 1.04 -50.57 18.05
CA TYR B 239 1.40 -51.99 17.92
C TYR B 239 2.37 -52.23 16.78
N ALA B 240 2.31 -51.43 15.71
CA ALA B 240 3.28 -51.57 14.64
C ALA B 240 4.69 -51.19 15.10
N PHE B 241 4.79 -50.15 15.92
CA PHE B 241 6.09 -49.77 16.47
C PHE B 241 6.65 -50.87 17.37
N LYS B 242 5.80 -51.48 18.19
CA LYS B 242 6.27 -52.60 19.01
C LYS B 242 6.68 -53.79 18.14
N ASN B 243 5.92 -54.08 17.09
CA ASN B 243 6.28 -55.18 16.19
C ASN B 243 7.62 -54.90 15.51
N GLU B 244 7.84 -53.65 15.11
CA GLU B 244 9.09 -53.29 14.44
C GLU B 244 10.25 -53.23 15.42
N PHE B 245 10.01 -52.71 16.63
CA PHE B 245 11.04 -52.55 17.65
C PHE B 245 10.51 -53.08 18.98
N PRO B 246 10.72 -54.37 19.26
CA PRO B 246 10.27 -54.90 20.56
C PRO B 246 10.87 -54.20 21.76
N GLU B 247 12.04 -53.59 21.60
CA GLU B 247 12.64 -52.75 22.62
C GLU B 247 13.11 -51.45 21.97
N SER B 248 12.88 -50.34 22.65
CA SER B 248 13.32 -49.04 22.13
C SER B 248 13.37 -48.03 23.27
N LYS B 249 14.25 -47.04 23.10
CA LYS B 249 14.43 -45.99 24.10
C LYS B 249 13.26 -45.02 24.16
N TYR B 250 12.32 -45.09 23.22
CA TYR B 250 11.21 -44.15 23.12
C TYR B 250 9.88 -44.76 23.54
N LEU B 251 9.89 -45.84 24.31
CA LEU B 251 8.64 -46.54 24.59
C LEU B 251 7.77 -45.86 25.64
N LYS B 252 8.34 -45.02 26.52
CA LYS B 252 7.56 -44.45 27.62
C LYS B 252 6.48 -43.49 27.11
N GLU B 253 6.87 -42.53 26.27
CA GLU B 253 5.91 -41.61 25.68
C GLU B 253 4.92 -42.35 24.79
N ALA B 254 5.39 -43.36 24.06
CA ALA B 254 4.49 -44.21 23.31
C ALA B 254 3.42 -44.82 24.21
N GLU B 255 3.83 -45.28 25.39
CA GLU B 255 2.89 -45.97 26.27
C GLU B 255 1.90 -45.01 26.91
N LYS B 256 2.30 -43.76 27.18
CA LYS B 256 1.26 -42.80 27.59
C LYS B 256 0.32 -42.48 26.45
N ILE B 257 0.82 -42.39 25.20
CA ILE B 257 -0.08 -42.22 24.06
C ILE B 257 -1.09 -43.36 24.02
N PHE B 258 -0.60 -44.59 24.21
CA PHE B 258 -1.48 -45.75 24.23
C PHE B 258 -2.50 -45.65 25.36
N ASN B 259 -2.06 -45.30 26.56
CA ASN B 259 -2.98 -45.28 27.69
C ASN B 259 -4.04 -44.19 27.53
N GLU B 260 -3.73 -43.11 26.82
CA GLU B 260 -4.76 -42.13 26.53
C GLU B 260 -5.71 -42.58 25.43
N SER B 261 -5.19 -43.26 24.40
CA SER B 261 -6.03 -43.58 23.24
C SER B 261 -6.83 -44.87 23.39
N GLN B 262 -6.31 -45.86 24.12
CA GLN B 262 -6.98 -47.15 24.26
C GLN B 262 -8.30 -47.04 25.01
N LYS B 263 -8.53 -45.93 25.72
CA LYS B 263 -9.82 -45.68 26.34
C LYS B 263 -10.91 -45.43 25.31
N VAL B 264 -10.54 -45.19 24.05
CA VAL B 264 -11.48 -44.88 22.99
C VAL B 264 -10.90 -45.26 21.63
N GLN C 23 -3.96 30.80 -2.28
CA GLN C 23 -3.91 30.87 -3.73
C GLN C 23 -3.56 29.51 -4.33
N ASN C 24 -4.16 28.45 -3.80
CA ASN C 24 -3.93 27.10 -4.30
C ASN C 24 -5.21 26.51 -4.90
N ASN C 25 -6.32 27.23 -4.86
CA ASN C 25 -7.53 26.75 -5.50
C ASN C 25 -8.23 27.79 -6.37
N THR C 26 -8.06 29.08 -6.10
CA THR C 26 -8.80 30.10 -6.82
C THR C 26 -7.94 31.34 -7.01
N ASN C 27 -8.32 32.14 -8.00
CA ASN C 27 -7.84 33.51 -8.13
C ASN C 27 -8.99 34.48 -8.39
N SER C 28 -10.23 34.01 -8.27
CA SER C 28 -11.38 34.86 -8.54
C SER C 28 -11.53 35.90 -7.44
N PRO C 29 -11.58 37.19 -7.77
CA PRO C 29 -11.75 38.22 -6.74
C PRO C 29 -13.13 38.25 -6.10
N TYR C 30 -14.08 37.45 -6.57
CA TYR C 30 -15.32 37.27 -5.80
C TYR C 30 -15.06 36.65 -4.43
N THR C 31 -13.97 35.90 -4.28
CA THR C 31 -13.67 35.24 -3.01
C THR C 31 -13.33 36.23 -1.90
N ARG C 32 -13.34 37.53 -2.16
CA ARG C 32 -13.20 38.51 -1.10
C ARG C 32 -14.47 38.60 -0.24
N TYR C 33 -15.55 37.95 -0.66
CA TYR C 33 -16.82 37.96 0.07
C TYR C 33 -17.14 36.56 0.60
N GLY C 34 -17.74 36.52 1.78
CA GLY C 34 -18.20 35.27 2.38
C GLY C 34 -17.06 34.33 2.76
N TYR C 35 -17.41 33.04 2.81
CA TYR C 35 -16.41 31.99 3.02
C TYR C 35 -15.59 31.68 1.77
N GLY C 36 -15.66 32.54 0.74
CA GLY C 36 -15.00 32.27 -0.52
C GLY C 36 -16.00 31.76 -1.55
N ASP C 37 -15.63 30.75 -2.33
CA ASP C 37 -16.58 30.03 -3.14
C ASP C 37 -16.58 28.56 -2.71
N LEU C 38 -17.79 27.99 -2.59
CA LEU C 38 -17.92 26.61 -2.16
C LEU C 38 -17.37 25.66 -3.21
N SER C 39 -16.51 24.75 -2.78
CA SER C 39 -16.06 23.66 -3.63
C SER C 39 -17.10 22.55 -3.64
N ASP C 40 -17.38 22.02 -4.82
CA ASP C 40 -18.23 20.85 -4.93
C ASP C 40 -17.35 19.61 -4.73
N GLN C 41 -17.66 18.83 -3.70
CA GLN C 41 -16.89 17.62 -3.43
C GLN C 41 -17.34 16.49 -4.36
N SER C 42 -17.37 16.80 -5.66
CA SER C 42 -17.87 15.88 -6.67
C SER C 42 -16.71 15.01 -7.16
N PHE C 43 -16.83 13.69 -6.94
CA PHE C 43 -15.78 12.76 -7.31
C PHE C 43 -15.74 12.57 -8.82
N GLY C 44 -14.91 11.62 -9.26
CA GLY C 44 -14.53 11.55 -10.67
C GLY C 44 -15.70 11.39 -11.60
N ASN C 45 -16.60 10.46 -11.30
CA ASN C 45 -17.73 10.23 -12.19
C ASN C 45 -18.69 11.42 -12.20
N SER C 46 -18.94 12.02 -11.03
CA SER C 46 -19.88 13.14 -10.97
C SER C 46 -19.30 14.41 -11.58
N LYS C 47 -17.97 14.59 -11.51
CA LYS C 47 -17.37 15.80 -12.05
C LYS C 47 -17.52 15.87 -13.57
N ALA C 48 -17.53 14.73 -14.24
CA ALA C 48 -17.80 14.72 -15.68
C ALA C 48 -19.29 14.74 -15.98
N MET C 49 -20.12 14.20 -15.08
CA MET C 49 -21.56 14.12 -15.28
C MET C 49 -22.30 15.34 -14.72
N GLY C 50 -21.64 16.49 -14.65
CA GLY C 50 -22.30 17.72 -14.26
C GLY C 50 -22.57 17.85 -12.77
N GLY C 51 -22.16 16.89 -11.95
CA GLY C 51 -22.38 16.97 -10.53
C GLY C 51 -23.68 16.37 -10.05
N ILE C 52 -24.23 15.38 -10.76
CA ILE C 52 -25.51 14.77 -10.37
C ILE C 52 -25.18 13.64 -9.41
N ALA C 53 -24.99 14.01 -8.14
CA ALA C 53 -24.49 13.09 -7.14
C ALA C 53 -25.52 12.58 -6.15
N PHE C 54 -26.72 13.19 -6.10
CA PHE C 54 -27.69 12.78 -5.09
C PHE C 54 -28.30 11.42 -5.39
N GLY C 55 -28.68 11.16 -6.64
CA GLY C 55 -29.36 9.93 -6.98
C GLY C 55 -28.48 8.80 -7.46
N LEU C 56 -27.16 8.97 -7.45
CA LEU C 56 -26.26 8.02 -8.08
C LEU C 56 -25.98 6.83 -7.15
N ARG C 57 -25.90 5.64 -7.74
CA ARG C 57 -25.52 4.43 -7.04
C ARG C 57 -24.50 3.63 -7.86
N ASP C 58 -23.54 4.35 -8.45
CA ASP C 58 -22.47 3.72 -9.24
C ASP C 58 -21.50 3.06 -8.26
N GLY C 59 -21.57 1.73 -8.16
CA GLY C 59 -20.90 1.01 -7.10
C GLY C 59 -19.41 0.88 -7.25
N ALA C 60 -18.85 1.27 -8.39
CA ALA C 60 -17.41 1.14 -8.61
C ALA C 60 -16.60 2.34 -8.14
N GLN C 61 -17.26 3.43 -7.74
CA GLN C 61 -16.56 4.65 -7.34
C GLN C 61 -17.29 5.27 -6.14
N ILE C 62 -16.55 6.08 -5.38
CA ILE C 62 -17.03 6.60 -4.10
C ILE C 62 -17.90 7.83 -4.33
N ASN C 63 -18.81 8.08 -3.40
CA ASN C 63 -19.76 9.20 -3.51
C ASN C 63 -20.09 9.72 -2.11
N PRO C 64 -19.36 10.72 -1.62
CA PRO C 64 -19.65 11.27 -0.29
C PRO C 64 -20.85 12.21 -0.24
N THR C 65 -21.36 12.65 -1.40
CA THR C 65 -22.40 13.68 -1.39
C THR C 65 -23.74 13.16 -0.89
N ASN C 66 -23.97 11.85 -0.95
CA ASN C 66 -25.18 11.27 -0.38
C ASN C 66 -24.79 10.01 0.39
N PRO C 67 -24.86 10.03 1.73
CA PRO C 67 -24.36 8.89 2.51
C PRO C 67 -25.11 7.59 2.27
N ALA C 68 -26.32 7.63 1.73
CA ALA C 68 -27.05 6.40 1.45
C ALA C 68 -26.45 5.61 0.28
N SER C 69 -25.49 6.18 -0.44
CA SER C 69 -24.91 5.54 -1.60
C SER C 69 -23.85 4.49 -1.25
N TYR C 70 -23.42 4.41 0.01
CA TYR C 70 -22.31 3.53 0.36
C TYR C 70 -22.67 2.06 0.26
N THR C 71 -23.95 1.72 0.39
CA THR C 71 -24.35 0.30 0.44
C THR C 71 -24.24 -0.40 -0.92
N ALA C 72 -23.74 0.21 -1.98
CA ALA C 72 -23.67 -0.42 -3.29
C ALA C 72 -22.37 -1.17 -3.53
N ILE C 73 -21.47 -1.18 -2.56
CA ILE C 73 -20.10 -1.66 -2.78
C ILE C 73 -20.09 -3.19 -2.80
N ASP C 74 -19.24 -3.75 -3.67
CA ASP C 74 -19.12 -5.19 -3.80
C ASP C 74 -18.46 -5.79 -2.57
N SER C 75 -18.74 -7.08 -2.33
CA SER C 75 -18.58 -7.65 -0.99
C SER C 75 -17.15 -7.58 -0.49
N LEU C 76 -16.18 -7.98 -1.31
CA LEU C 76 -14.81 -8.17 -0.84
C LEU C 76 -13.90 -6.99 -1.13
N THR C 77 -14.45 -5.85 -1.56
CA THR C 77 -13.64 -4.79 -2.13
C THR C 77 -13.32 -3.70 -1.12
N PHE C 78 -12.20 -3.01 -1.36
CA PHE C 78 -11.80 -1.82 -0.62
C PHE C 78 -11.47 -0.74 -1.65
N LEU C 79 -12.13 0.41 -1.54
CA LEU C 79 -11.97 1.50 -2.51
C LEU C 79 -11.19 2.64 -1.87
N PHE C 80 -10.23 3.18 -2.63
CA PHE C 80 -9.39 4.28 -2.18
C PHE C 80 -9.20 5.23 -3.35
N GLU C 81 -9.58 6.49 -3.19
CA GLU C 81 -9.68 7.41 -4.31
C GLU C 81 -9.21 8.81 -3.94
N GLY C 82 -8.55 9.47 -4.89
CA GLY C 82 -8.13 10.86 -4.76
C GLY C 82 -8.10 11.52 -6.12
N GLY C 83 -8.00 12.85 -6.12
CA GLY C 83 -8.12 13.60 -7.36
C GLY C 83 -7.27 14.84 -7.44
N VAL C 84 -7.05 15.29 -8.67
CA VAL C 84 -6.25 16.47 -8.98
C VAL C 84 -6.97 17.27 -10.05
N SER C 85 -6.88 18.61 -9.97
CA SER C 85 -7.49 19.49 -10.95
C SER C 85 -6.47 20.53 -11.43
N LEU C 86 -6.46 20.78 -12.73
CA LEU C 86 -5.65 21.81 -13.36
C LEU C 86 -6.59 22.77 -14.09
N GLN C 87 -6.31 24.08 -14.00
CA GLN C 87 -7.27 25.02 -14.57
C GLN C 87 -6.56 26.28 -15.08
N ASN C 88 -7.24 26.95 -16.01
CA ASN C 88 -6.80 28.22 -16.59
C ASN C 88 -8.01 29.15 -16.62
N MET C 89 -7.89 30.30 -15.95
CA MET C 89 -9.00 31.23 -15.79
C MET C 89 -8.74 32.49 -16.59
N ASN C 90 -9.65 32.81 -17.51
CA ASN C 90 -9.62 34.08 -18.24
C ASN C 90 -10.51 35.07 -17.52
N ILE C 91 -9.93 36.19 -17.08
CA ILE C 91 -10.61 37.17 -16.25
C ILE C 91 -10.69 38.48 -17.01
N SER C 92 -11.90 39.07 -17.06
CA SER C 92 -12.17 40.21 -17.92
C SER C 92 -13.07 41.21 -17.20
N GLY C 93 -12.81 42.50 -17.45
CA GLY C 93 -13.63 43.55 -16.88
C GLY C 93 -13.16 44.95 -17.21
N GLY C 94 -14.09 45.83 -17.59
CA GLY C 94 -13.78 47.22 -17.83
C GLY C 94 -12.86 47.48 -19.00
N GLY C 95 -12.74 46.53 -19.93
CA GLY C 95 -11.81 46.65 -21.03
C GLY C 95 -10.47 46.01 -20.80
N LEU C 96 -10.15 45.65 -19.55
CA LEU C 96 -8.92 44.93 -19.24
C LEU C 96 -9.16 43.43 -19.39
N LYS C 97 -8.12 42.72 -19.85
CA LYS C 97 -8.19 41.28 -20.00
C LYS C 97 -6.89 40.66 -19.49
N LEU C 98 -7.01 39.56 -18.77
CA LEU C 98 -5.88 38.86 -18.18
C LEU C 98 -6.31 37.42 -17.91
N ASN C 99 -5.32 36.55 -17.71
CA ASN C 99 -5.61 35.17 -17.33
C ASN C 99 -4.63 34.69 -16.27
N ALA C 100 -5.13 33.79 -15.41
CA ALA C 100 -4.35 33.19 -14.35
C ALA C 100 -4.63 31.68 -14.31
N LYS C 101 -3.59 30.90 -14.07
CA LYS C 101 -3.65 29.44 -14.14
C LYS C 101 -3.15 28.83 -12.84
N ASN C 102 -3.79 27.73 -12.43
CA ASN C 102 -3.63 27.19 -11.08
C ASN C 102 -3.92 25.70 -11.10
N ALA C 103 -3.59 25.03 -9.99
CA ALA C 103 -3.79 23.59 -9.87
C ALA C 103 -4.08 23.24 -8.41
N SER C 104 -4.75 22.11 -8.19
CA SER C 104 -5.31 21.84 -6.87
C SER C 104 -5.42 20.35 -6.58
N PHE C 105 -5.52 20.06 -5.29
CA PHE C 105 -5.90 18.76 -4.73
C PHE C 105 -7.27 18.90 -4.12
N ASP C 106 -8.21 18.01 -4.51
CA ASP C 106 -9.60 18.30 -4.17
C ASP C 106 -10.48 17.12 -3.73
N TYR C 107 -9.93 15.94 -3.47
CA TYR C 107 -10.63 14.96 -2.63
C TYR C 107 -9.71 13.79 -2.31
N LEU C 108 -10.10 13.01 -1.30
CA LEU C 108 -9.44 11.78 -0.89
C LEU C 108 -10.32 10.99 0.07
N ALA C 109 -10.53 9.70 -0.18
CA ALA C 109 -11.46 8.94 0.66
C ALA C 109 -11.16 7.45 0.59
N MET C 110 -11.65 6.74 1.61
CA MET C 110 -11.63 5.28 1.70
C MET C 110 -13.05 4.78 1.91
N GLN C 111 -13.35 3.59 1.41
CA GLN C 111 -14.69 3.03 1.59
C GLN C 111 -14.61 1.50 1.61
N PHE C 112 -15.35 0.90 2.53
CA PHE C 112 -15.34 -0.55 2.71
C PHE C 112 -16.64 -1.01 3.34
N ARG C 113 -16.87 -2.32 3.27
CA ARG C 113 -18.11 -2.94 3.70
C ARG C 113 -17.93 -3.62 5.06
N LEU C 114 -18.91 -3.46 5.94
CA LEU C 114 -18.87 -4.05 7.27
C LEU C 114 -19.84 -5.20 7.48
N ALA C 115 -20.84 -5.35 6.61
CA ALA C 115 -21.87 -6.38 6.77
C ALA C 115 -22.59 -6.53 5.44
N PRO C 116 -23.38 -7.59 5.26
CA PRO C 116 -24.20 -7.70 4.05
C PRO C 116 -25.16 -6.53 3.87
N TRP C 117 -25.25 -5.62 4.83
CA TRP C 117 -26.25 -4.55 4.83
C TRP C 117 -25.70 -3.21 5.31
N MET C 118 -24.39 -3.07 5.51
CA MET C 118 -23.82 -1.80 5.98
C MET C 118 -22.45 -1.58 5.34
N ALA C 119 -22.15 -0.32 5.03
CA ALA C 119 -20.84 0.07 4.56
C ALA C 119 -20.42 1.36 5.25
N MET C 120 -19.11 1.60 5.29
CA MET C 120 -18.52 2.73 5.99
C MET C 120 -17.49 3.40 5.10
N SER C 121 -17.28 4.70 5.31
CA SER C 121 -16.26 5.44 4.58
C SER C 121 -15.67 6.52 5.48
N VAL C 122 -14.42 6.88 5.19
CA VAL C 122 -13.71 7.97 5.86
C VAL C 122 -12.90 8.73 4.81
N GLY C 123 -12.88 10.06 4.91
CA GLY C 123 -12.24 10.82 3.87
C GLY C 123 -11.99 12.27 4.27
N LEU C 124 -11.39 12.99 3.33
CA LEU C 124 -10.94 14.37 3.53
C LEU C 124 -11.38 15.20 2.35
N LEU C 125 -12.08 16.30 2.60
CA LEU C 125 -12.74 17.07 1.56
C LEU C 125 -12.55 18.57 1.79
N PRO C 126 -12.54 19.35 0.72
CA PRO C 126 -12.62 20.81 0.86
C PRO C 126 -14.07 21.26 0.96
N TYR C 127 -14.27 22.39 1.61
CA TYR C 127 -15.60 23.00 1.68
C TYR C 127 -15.65 24.33 0.94
N SER C 128 -14.70 25.23 1.21
CA SER C 128 -14.61 26.48 0.46
C SER C 128 -13.18 26.99 0.54
N ASN C 129 -12.81 27.77 -0.46
CA ASN C 129 -11.45 28.30 -0.58
C ASN C 129 -11.50 29.76 -0.96
N VAL C 130 -10.41 30.47 -0.67
CA VAL C 130 -10.28 31.85 -1.05
C VAL C 130 -8.92 32.02 -1.72
N GLY C 131 -8.87 32.91 -2.68
CA GLY C 131 -7.60 33.29 -3.23
C GLY C 131 -7.80 34.53 -4.06
N TYR C 132 -7.04 35.55 -3.71
CA TYR C 132 -7.04 36.74 -4.54
C TYR C 132 -5.85 37.56 -4.12
N THR C 133 -5.20 38.12 -5.11
CA THR C 133 -4.32 39.24 -4.97
C THR C 133 -4.91 40.19 -6.00
N VAL C 134 -5.17 41.43 -5.61
CA VAL C 134 -5.57 42.46 -6.55
C VAL C 134 -4.88 43.72 -6.08
N SER C 135 -4.01 44.29 -6.93
CA SER C 135 -3.13 45.36 -6.48
C SER C 135 -3.49 46.66 -7.19
N ASP C 136 -2.65 47.68 -7.01
CA ASP C 136 -2.86 48.99 -7.63
C ASP C 136 -1.65 49.90 -7.41
N SER C 137 -1.43 50.86 -8.31
CA SER C 137 -0.37 51.86 -8.21
C SER C 137 -0.90 53.20 -8.70
N GLN C 138 -0.55 54.27 -7.98
CA GLN C 138 -1.18 55.57 -8.16
C GLN C 138 -0.17 56.69 -7.97
N THR C 139 -0.60 57.91 -8.28
CA THR C 139 0.21 59.11 -8.02
C THR C 139 -0.72 60.31 -7.85
N THR C 140 -0.53 61.04 -6.75
CA THR C 140 -1.36 62.21 -6.45
C THR C 140 -0.89 63.41 -7.25
N ASP C 141 -1.76 64.44 -7.30
CA ASP C 141 -1.42 65.68 -8.00
C ASP C 141 -0.23 66.39 -7.34
N ASN C 142 -0.03 66.19 -6.05
CA ASN C 142 1.11 66.80 -5.35
C ASN C 142 2.42 66.10 -5.62
N GLY C 143 2.41 64.96 -6.33
CA GLY C 143 3.63 64.27 -6.70
C GLY C 143 3.94 63.02 -5.91
N LEU C 144 3.14 62.69 -4.88
CA LEU C 144 3.40 61.50 -4.09
C LEU C 144 2.86 60.27 -4.80
N ALA C 145 3.72 59.27 -4.98
CA ALA C 145 3.31 57.99 -5.54
C ALA C 145 2.99 57.02 -4.41
N TYR C 146 1.92 56.25 -4.59
CA TYR C 146 1.49 55.30 -3.58
C TYR C 146 0.90 54.06 -4.25
N SER C 147 0.96 52.94 -3.53
CA SER C 147 0.54 51.64 -4.04
C SER C 147 -0.27 50.92 -2.98
N ARG C 148 -1.34 50.26 -3.42
CA ARG C 148 -2.22 49.51 -2.53
C ARG C 148 -2.13 48.02 -2.91
N SER C 149 -2.54 47.15 -1.98
CA SER C 149 -2.45 45.71 -2.23
C SER C 149 -3.42 44.97 -1.33
N PHE C 150 -4.43 44.34 -1.94
CA PHE C 150 -5.48 43.62 -1.22
C PHE C 150 -5.36 42.14 -1.54
N THR C 151 -4.98 41.34 -0.55
CA THR C 151 -4.74 39.91 -0.73
C THR C 151 -5.71 39.11 0.15
N GLY C 152 -5.65 37.79 0.03
CA GLY C 152 -6.49 36.89 0.80
C GLY C 152 -6.04 35.44 0.67
N ASP C 153 -6.23 34.63 1.71
CA ASP C 153 -5.69 33.28 1.72
C ASP C 153 -6.42 32.43 2.75
N GLY C 154 -6.44 31.13 2.49
CA GLY C 154 -7.01 30.16 3.41
C GLY C 154 -8.26 29.49 2.87
N GLY C 155 -9.06 28.99 3.80
CA GLY C 155 -10.32 28.34 3.44
C GLY C 155 -10.84 27.51 4.59
N LEU C 156 -11.93 26.80 4.29
CA LEU C 156 -12.58 25.89 5.24
C LEU C 156 -12.50 24.46 4.70
N HIS C 157 -12.26 23.51 5.60
CA HIS C 157 -12.02 22.12 5.22
C HIS C 157 -12.90 21.19 6.05
N GLN C 158 -13.00 19.95 5.59
CA GLN C 158 -13.90 18.97 6.19
C GLN C 158 -13.27 17.59 6.17
N MET C 159 -13.28 16.92 7.33
CA MET C 159 -12.87 15.52 7.45
C MET C 159 -14.01 14.75 8.10
N TYR C 160 -14.38 13.62 7.51
CA TYR C 160 -15.64 12.98 7.82
C TYR C 160 -15.49 11.48 8.01
N VAL C 161 -16.38 10.92 8.84
CA VAL C 161 -16.61 9.49 8.94
C VAL C 161 -18.11 9.26 8.75
N GLY C 162 -18.48 8.35 7.85
CA GLY C 162 -19.87 8.15 7.51
C GLY C 162 -20.19 6.68 7.32
N ALA C 163 -21.49 6.39 7.43
CA ALA C 163 -21.97 5.02 7.29
C ALA C 163 -23.35 5.03 6.66
N GLY C 164 -23.65 3.96 5.93
CA GLY C 164 -24.96 3.78 5.32
C GLY C 164 -25.49 2.37 5.50
N VAL C 165 -26.79 2.23 5.73
CA VAL C 165 -27.39 0.95 6.06
C VAL C 165 -28.63 0.72 5.21
N LYS C 166 -28.95 -0.56 5.01
CA LYS C 166 -30.16 -0.97 4.30
C LYS C 166 -31.24 -1.31 5.32
N VAL C 167 -32.31 -0.53 5.33
CA VAL C 167 -33.44 -0.81 6.23
C VAL C 167 -34.49 -1.68 5.56
N LEU C 168 -34.58 -1.63 4.24
CA LEU C 168 -35.47 -2.48 3.45
C LEU C 168 -34.75 -2.81 2.15
N LYS C 169 -35.26 -3.81 1.43
CA LYS C 169 -34.53 -4.30 0.25
C LYS C 169 -34.37 -3.20 -0.80
N ASN C 170 -35.25 -2.20 -0.80
CA ASN C 170 -35.18 -1.11 -1.76
C ASN C 170 -34.52 0.15 -1.21
N LEU C 171 -34.41 0.28 0.11
CA LEU C 171 -34.21 1.57 0.75
C LEU C 171 -32.95 1.58 1.60
N SER C 172 -32.17 2.66 1.48
CA SER C 172 -30.94 2.85 2.25
C SER C 172 -30.94 4.24 2.86
N VAL C 173 -30.34 4.36 4.05
CA VAL C 173 -30.17 5.63 4.74
C VAL C 173 -28.74 5.70 5.29
N GLY C 174 -28.28 6.92 5.55
CA GLY C 174 -26.92 7.09 6.03
C GLY C 174 -26.66 8.49 6.52
N VAL C 175 -25.51 8.64 7.20
CA VAL C 175 -25.12 9.90 7.82
C VAL C 175 -23.62 10.12 7.63
N ASN C 176 -23.23 11.40 7.59
CA ASN C 176 -21.83 11.81 7.70
C ASN C 176 -21.67 12.71 8.92
N ALA C 177 -20.76 12.35 9.82
CA ALA C 177 -20.34 13.19 10.92
C ALA C 177 -18.93 13.71 10.62
N SER C 178 -18.77 15.02 10.64
CA SER C 178 -17.55 15.64 10.12
C SER C 178 -16.98 16.65 11.09
N TYR C 179 -15.65 16.61 11.25
CA TYR C 179 -14.91 17.74 11.79
C TYR C 179 -14.81 18.82 10.72
N PHE C 180 -14.89 20.08 11.15
CA PHE C 180 -15.11 21.18 10.21
C PHE C 180 -14.30 22.37 10.71
N TRP C 181 -13.16 22.63 10.07
CA TRP C 181 -12.19 23.59 10.57
C TRP C 181 -11.60 24.39 9.41
N GLY C 182 -11.03 25.54 9.72
CA GLY C 182 -10.44 26.37 8.68
C GLY C 182 -9.90 27.68 9.21
N ASP C 183 -9.44 28.50 8.27
CA ASP C 183 -8.83 29.80 8.55
C ASP C 183 -8.88 30.65 7.30
N ILE C 184 -9.54 31.81 7.36
CA ILE C 184 -9.62 32.72 6.23
C ILE C 184 -9.01 34.06 6.64
N THR C 185 -8.05 34.55 5.85
CA THR C 185 -7.26 35.73 6.16
C THR C 185 -7.35 36.69 4.99
N ARG C 186 -7.54 37.97 5.29
CA ARG C 186 -7.80 39.01 4.28
C ARG C 186 -7.10 40.29 4.70
N THR C 187 -6.28 40.85 3.81
CA THR C 187 -5.38 41.94 4.16
C THR C 187 -5.63 43.15 3.24
N ARG C 188 -5.29 44.34 3.75
CA ARG C 188 -5.26 45.61 3.02
C ARG C 188 -3.98 46.35 3.34
N GLY C 189 -3.31 46.89 2.32
CA GLY C 189 -2.04 47.55 2.50
C GLY C 189 -2.03 48.94 1.88
N MET C 190 -1.03 49.74 2.29
CA MET C 190 -0.81 51.06 1.72
C MET C 190 0.68 51.34 1.74
N PHE C 191 1.32 51.26 0.59
CA PHE C 191 2.77 51.36 0.51
C PHE C 191 3.15 52.56 -0.35
N TYR C 192 4.34 53.10 -0.13
CA TYR C 192 4.78 54.33 -0.76
C TYR C 192 6.14 54.13 -1.41
N PRO C 193 6.19 53.50 -2.59
CA PRO C 193 7.48 53.22 -3.23
C PRO C 193 8.28 54.48 -3.50
N GLY C 194 9.59 54.39 -3.30
CA GLY C 194 10.49 55.49 -3.53
C GLY C 194 10.72 56.39 -2.33
N THR C 195 9.87 56.30 -1.31
CA THR C 195 10.04 57.12 -0.12
C THR C 195 11.11 56.54 0.77
N SER C 196 11.95 57.41 1.33
CA SER C 196 13.17 56.96 2.01
C SER C 196 12.85 56.17 3.27
N SER C 197 12.01 56.71 4.15
CA SER C 197 11.71 56.05 5.42
C SER C 197 10.28 56.40 5.82
N TYR C 198 9.49 55.37 6.10
CA TYR C 198 8.07 55.53 6.40
C TYR C 198 7.54 54.25 7.03
N ASP C 199 6.31 54.32 7.53
CA ASP C 199 5.62 53.19 8.13
C ASP C 199 4.46 52.78 7.22
N SER C 200 4.41 51.50 6.88
CA SER C 200 3.32 50.96 6.06
C SER C 200 2.14 50.57 6.95
N TYR C 201 0.93 50.74 6.42
CA TYR C 201 -0.29 50.38 7.13
C TYR C 201 -0.89 49.13 6.52
N GLN C 202 -1.26 48.15 7.35
CA GLN C 202 -1.86 46.91 6.86
C GLN C 202 -2.76 46.32 7.94
N ARG C 203 -4.02 46.08 7.61
CA ARG C 203 -4.99 45.47 8.54
C ARG C 203 -5.30 44.06 8.04
N LYS C 204 -5.12 43.07 8.91
CA LYS C 204 -5.25 41.66 8.56
C LYS C 204 -6.35 41.03 9.41
N MET C 205 -7.56 40.91 8.85
CA MET C 205 -8.70 40.32 9.55
C MET C 205 -8.71 38.82 9.33
N VAL C 206 -8.72 38.04 10.41
CA VAL C 206 -8.59 36.60 10.34
C VAL C 206 -9.78 35.94 11.06
N THR C 207 -10.23 34.81 10.53
CA THR C 207 -11.34 34.05 11.11
C THR C 207 -11.00 32.56 11.14
N SER C 208 -10.58 32.09 12.32
CA SER C 208 -10.36 30.67 12.54
C SER C 208 -11.65 30.02 13.02
N ILE C 209 -11.93 28.82 12.53
CA ILE C 209 -13.17 28.10 12.82
C ILE C 209 -12.82 26.66 13.14
N SER C 210 -13.51 26.09 14.13
CA SER C 210 -13.31 24.69 14.50
C SER C 210 -14.59 24.18 15.16
N ASP C 211 -15.38 23.42 14.42
CA ASP C 211 -16.66 22.89 14.92
C ASP C 211 -16.95 21.59 14.18
N TYR C 212 -18.20 21.13 14.24
CA TYR C 212 -18.62 19.89 13.61
C TYR C 212 -19.81 20.13 12.69
N LYS C 213 -20.04 19.18 11.78
CA LYS C 213 -21.07 19.30 10.76
C LYS C 213 -21.73 17.94 10.54
N LEU C 214 -23.06 17.93 10.45
CA LEU C 214 -23.85 16.72 10.27
C LEU C 214 -24.56 16.75 8.93
N ASP C 215 -24.61 15.59 8.26
CA ASP C 215 -25.18 15.48 6.93
C ASP C 215 -25.96 14.17 6.82
N PHE C 216 -27.18 14.24 6.30
CA PHE C 216 -28.12 13.11 6.32
C PHE C 216 -28.62 12.84 4.91
N GLY C 217 -28.85 11.57 4.58
CA GLY C 217 -29.30 11.22 3.24
C GLY C 217 -30.04 9.90 3.19
N ALA C 218 -30.77 9.71 2.09
CA ALA C 218 -31.55 8.49 1.86
C ALA C 218 -31.67 8.24 0.35
N GLN C 219 -31.83 6.97 -0.01
CA GLN C 219 -31.98 6.58 -1.41
C GLN C 219 -32.94 5.40 -1.54
N TYR C 220 -33.67 5.36 -2.66
CA TYR C 220 -34.64 4.33 -2.94
C TYR C 220 -34.52 3.93 -4.41
N THR C 221 -34.54 2.62 -4.68
CA THR C 221 -34.37 2.09 -6.02
C THR C 221 -35.60 1.28 -6.43
N GLN C 222 -36.03 1.44 -7.68
CA GLN C 222 -37.22 0.80 -8.19
C GLN C 222 -36.88 -0.01 -9.43
N ALA C 223 -37.46 -1.21 -9.54
CA ALA C 223 -37.10 -2.18 -10.59
C ALA C 223 -38.07 -2.07 -11.76
N LEU C 224 -37.83 -1.09 -12.62
CA LEU C 224 -38.68 -0.85 -13.78
C LEU C 224 -38.38 -1.85 -14.89
N ASN C 225 -39.44 -2.47 -15.42
CA ASN C 225 -39.40 -3.19 -16.71
C ASN C 225 -38.32 -4.27 -16.76
N LYS C 226 -37.95 -4.84 -15.61
CA LYS C 226 -37.15 -6.05 -15.50
C LYS C 226 -35.68 -5.91 -15.91
N LYS C 227 -35.32 -4.83 -16.60
CA LYS C 227 -33.94 -4.65 -17.01
C LYS C 227 -33.44 -3.29 -16.55
N SER C 228 -34.32 -2.30 -16.58
CA SER C 228 -33.99 -0.96 -16.14
C SER C 228 -34.08 -0.87 -14.62
N SER C 229 -33.70 0.28 -14.09
CA SER C 229 -33.95 0.63 -12.71
C SER C 229 -33.94 2.14 -12.61
N LEU C 230 -34.74 2.67 -11.69
CA LEU C 230 -34.80 4.10 -11.46
C LEU C 230 -34.59 4.35 -9.97
N THR C 231 -33.68 5.26 -9.64
CA THR C 231 -33.37 5.61 -8.27
C THR C 231 -33.75 7.06 -8.01
N ILE C 232 -34.16 7.34 -6.77
CA ILE C 232 -34.39 8.70 -6.31
C ILE C 232 -33.62 8.88 -5.01
N GLY C 233 -33.04 10.06 -4.82
CA GLY C 233 -32.27 10.34 -3.64
C GLY C 233 -32.53 11.73 -3.13
N ALA C 234 -32.37 11.89 -1.81
CA ALA C 234 -32.52 13.18 -1.15
C ALA C 234 -31.45 13.31 -0.07
N VAL C 235 -31.10 14.55 0.26
CA VAL C 235 -30.04 14.83 1.21
C VAL C 235 -30.37 16.12 1.95
N TYR C 236 -29.93 16.19 3.21
CA TYR C 236 -30.28 17.29 4.10
C TYR C 236 -29.20 17.48 5.15
N SER C 237 -28.97 18.74 5.53
CA SER C 237 -28.04 19.10 6.59
C SER C 237 -28.59 20.32 7.33
N PRO C 238 -28.62 20.31 8.66
CA PRO C 238 -29.34 21.34 9.41
C PRO C 238 -28.52 22.61 9.62
N LYS C 239 -29.26 23.68 9.92
CA LYS C 239 -28.65 24.97 10.24
C LYS C 239 -27.83 24.88 11.52
N HIS C 240 -26.70 25.59 11.54
CA HIS C 240 -25.70 25.38 12.57
C HIS C 240 -24.99 26.69 12.88
N LYS C 241 -24.44 26.79 14.09
CA LYS C 241 -23.73 27.98 14.54
C LYS C 241 -22.35 27.57 15.04
N LEU C 242 -21.31 28.29 14.60
CA LEU C 242 -19.94 27.78 14.61
C LEU C 242 -19.08 28.43 15.69
N ASN C 243 -18.30 27.59 16.37
CA ASN C 243 -17.23 28.05 17.25
C ASN C 243 -16.11 28.67 16.43
N ASN C 244 -15.60 29.83 16.87
CA ASN C 244 -14.72 30.63 16.02
C ASN C 244 -13.86 31.55 16.87
N ASP C 245 -12.90 32.21 16.20
CA ASP C 245 -11.88 33.03 16.85
C ASP C 245 -11.60 34.31 16.05
N TYR C 246 -12.65 35.02 15.65
CA TYR C 246 -12.50 36.19 14.79
C TYR C 246 -11.63 37.27 15.46
N THR C 247 -10.72 37.86 14.68
CA THR C 247 -9.72 38.78 15.21
C THR C 247 -9.41 39.85 14.17
N SER C 248 -9.14 41.07 14.66
CA SER C 248 -8.92 42.25 13.83
C SER C 248 -7.54 42.84 14.09
N ILE C 249 -6.52 42.34 13.39
CA ILE C 249 -5.16 42.84 13.54
C ILE C 249 -4.96 44.06 12.66
N VAL C 250 -4.23 45.05 13.17
CA VAL C 250 -3.69 46.13 12.36
C VAL C 250 -2.18 46.20 12.59
N ILE C 251 -1.42 46.03 11.52
CA ILE C 251 0.04 46.04 11.56
C ILE C 251 0.52 47.44 11.19
N MET C 252 1.57 47.90 11.85
CA MET C 252 2.12 49.22 11.56
C MET C 252 3.64 49.15 11.50
N GLY C 253 4.21 49.64 10.40
CA GLY C 253 5.65 49.80 10.30
C GLY C 253 6.43 48.58 9.85
N ALA C 254 5.76 47.53 9.37
CA ALA C 254 6.48 46.36 8.89
C ALA C 254 7.23 46.67 7.61
N SER C 255 8.32 45.93 7.39
CA SER C 255 9.20 46.20 6.26
C SER C 255 9.93 44.91 5.88
N SER C 256 10.86 45.03 4.94
CA SER C 256 11.70 43.90 4.54
C SER C 256 12.69 43.50 5.62
N SER C 257 12.85 44.31 6.67
CA SER C 257 13.77 44.01 7.76
C SER C 257 13.11 43.89 9.12
N SER C 258 11.91 44.43 9.31
CA SER C 258 11.30 44.54 10.62
C SER C 258 9.86 44.06 10.60
N TYR C 259 9.42 43.53 11.74
CA TYR C 259 8.08 42.99 11.88
C TYR C 259 7.04 44.04 12.22
N GLY C 260 7.45 45.25 12.57
CA GLY C 260 6.50 46.26 12.98
C GLY C 260 5.87 45.95 14.33
N THR C 261 4.71 46.57 14.57
CA THR C 261 3.93 46.33 15.77
C THR C 261 2.53 45.88 15.38
N GLU C 262 1.95 45.01 16.21
CA GLU C 262 0.62 44.45 15.97
C GLU C 262 -0.31 44.89 17.09
N TYR C 263 -1.35 45.63 16.73
CA TYR C 263 -2.38 46.04 17.68
C TYR C 263 -3.59 45.14 17.48
N LYS C 264 -3.53 43.97 18.12
CA LYS C 264 -4.58 42.97 17.96
C LYS C 264 -5.90 43.44 18.59
N ASP C 265 -6.98 42.76 18.20
CA ASP C 265 -8.32 43.11 18.66
C ASP C 265 -9.21 41.90 18.46
N VAL C 266 -9.74 41.34 19.55
CA VAL C 266 -10.49 40.09 19.53
C VAL C 266 -11.97 40.39 19.70
N LEU C 267 -12.80 39.74 18.88
CA LEU C 267 -14.19 40.14 18.69
C LEU C 267 -15.13 38.95 18.87
N ASP C 268 -16.36 39.26 19.30
CA ASP C 268 -17.39 38.26 19.53
C ASP C 268 -18.31 38.16 18.30
N ALA C 269 -17.77 37.52 17.27
CA ALA C 269 -18.50 37.35 16.02
C ALA C 269 -19.27 36.03 16.01
N THR C 270 -20.37 36.01 15.27
CA THR C 270 -21.19 34.81 15.11
C THR C 270 -21.19 34.38 13.65
N PHE C 271 -20.91 33.10 13.43
CA PHE C 271 -20.87 32.50 12.10
C PHE C 271 -21.84 31.31 12.06
N GLU C 272 -22.34 31.01 10.87
CA GLU C 272 -23.35 29.97 10.71
C GLU C 272 -23.17 29.21 9.42
N LEU C 273 -23.88 28.09 9.33
CA LEU C 273 -24.15 27.29 8.16
C LEU C 273 -25.66 27.14 7.99
N PRO C 274 -26.18 27.23 6.77
CA PRO C 274 -27.62 27.23 6.56
C PRO C 274 -28.19 25.83 6.43
N ASN C 275 -29.52 25.76 6.48
CA ASN C 275 -30.21 24.54 6.05
C ASN C 275 -29.98 24.32 4.56
N THR C 276 -29.71 23.07 4.19
CA THR C 276 -29.46 22.71 2.80
C THR C 276 -30.33 21.52 2.41
N PHE C 277 -30.92 21.60 1.22
CA PHE C 277 -31.79 20.57 0.70
C PHE C 277 -31.35 20.19 -0.70
N GLY C 278 -31.50 18.92 -1.04
CA GLY C 278 -31.14 18.44 -2.36
C GLY C 278 -31.93 17.20 -2.72
N VAL C 279 -32.23 17.06 -4.02
CA VAL C 279 -33.06 15.96 -4.50
C VAL C 279 -32.71 15.70 -5.97
N GLY C 280 -32.82 14.44 -6.37
CA GLY C 280 -32.51 14.06 -7.74
C GLY C 280 -32.87 12.61 -8.00
N PHE C 281 -32.74 12.24 -9.27
CA PHE C 281 -33.07 10.89 -9.73
C PHE C 281 -32.04 10.44 -10.76
N THR C 282 -31.97 9.12 -10.96
CA THR C 282 -31.11 8.53 -12.00
C THR C 282 -31.81 7.32 -12.62
N TYR C 283 -32.00 7.37 -13.95
CA TYR C 283 -32.49 6.22 -14.71
C TYR C 283 -31.32 5.39 -15.21
N ASN C 284 -31.53 4.07 -15.31
CA ASN C 284 -30.47 3.13 -15.66
C ASN C 284 -31.06 2.03 -16.52
N TYR C 285 -30.29 1.59 -17.53
CA TYR C 285 -30.78 0.60 -18.50
C TYR C 285 -29.68 -0.41 -18.83
N ASP C 286 -30.00 -1.69 -18.65
CA ASP C 286 -29.19 -2.83 -19.09
C ASP C 286 -27.73 -2.69 -18.60
N LYS C 287 -27.52 -1.91 -17.55
CA LYS C 287 -26.19 -1.58 -17.04
C LYS C 287 -25.29 -0.97 -18.12
N ARG C 288 -25.87 -0.50 -19.23
CA ARG C 288 -25.11 0.16 -20.28
C ARG C 288 -25.28 1.67 -20.29
N LEU C 289 -26.37 2.19 -19.73
CA LEU C 289 -26.73 3.59 -19.85
C LEU C 289 -27.33 4.10 -18.56
N THR C 290 -26.92 5.31 -18.14
CA THR C 290 -27.52 6.00 -17.02
C THR C 290 -27.69 7.48 -17.35
N VAL C 291 -28.82 8.05 -16.95
CA VAL C 291 -29.10 9.47 -17.08
C VAL C 291 -29.77 9.96 -15.81
N GLY C 292 -29.56 11.24 -15.48
CA GLY C 292 -30.11 11.77 -14.24
C GLY C 292 -29.96 13.27 -14.14
N ALA C 293 -30.60 13.82 -13.12
CA ALA C 293 -30.64 15.26 -12.89
C ALA C 293 -30.86 15.55 -11.41
N ASP C 294 -30.26 16.64 -10.93
CA ASP C 294 -30.32 17.03 -9.52
C ASP C 294 -30.75 18.48 -9.37
N TYR C 295 -31.26 18.80 -8.18
CA TYR C 295 -31.61 20.14 -7.76
C TYR C 295 -31.26 20.31 -6.30
N SER C 296 -30.73 21.47 -5.93
CA SER C 296 -30.37 21.73 -4.54
C SER C 296 -30.53 23.22 -4.24
N LEU C 297 -30.83 23.51 -2.97
CA LEU C 297 -31.01 24.88 -2.50
C LEU C 297 -30.42 24.99 -1.11
N GLN C 298 -29.71 26.10 -0.86
CA GLN C 298 -29.07 26.36 0.42
C GLN C 298 -29.57 27.69 0.96
N GLN C 299 -30.08 27.67 2.20
CA GLN C 299 -30.85 28.77 2.75
C GLN C 299 -29.95 29.86 3.34
N TRP C 300 -29.01 30.38 2.54
CA TRP C 300 -28.03 31.33 3.06
C TRP C 300 -28.68 32.64 3.53
N SER C 301 -29.74 33.10 2.87
CA SER C 301 -30.33 34.39 3.23
C SER C 301 -31.06 34.35 4.57
N LYS C 302 -31.27 33.17 5.15
CA LYS C 302 -31.87 33.02 6.47
C LYS C 302 -30.85 32.69 7.54
N THR C 303 -29.66 33.30 7.48
CA THR C 303 -28.60 33.12 8.46
C THR C 303 -28.30 34.45 9.14
N ASN C 304 -28.02 34.40 10.44
CA ASN C 304 -27.79 35.60 11.25
C ASN C 304 -26.29 35.78 11.52
N PHE C 305 -25.56 36.23 10.50
CA PHE C 305 -24.17 36.63 10.70
C PHE C 305 -24.13 38.01 11.36
N GLY C 306 -23.09 38.23 12.18
CA GLY C 306 -22.95 39.53 12.83
C GLY C 306 -21.78 39.55 13.78
N VAL C 307 -21.41 40.77 14.18
CA VAL C 307 -20.35 41.02 15.14
C VAL C 307 -20.77 42.20 16.02
N VAL C 308 -20.26 42.22 17.25
CA VAL C 308 -20.52 43.31 18.18
C VAL C 308 -19.19 43.97 18.54
N THR C 309 -19.12 45.28 18.38
CA THR C 309 -17.91 46.04 18.65
C THR C 309 -18.28 47.51 18.79
N SER C 310 -17.35 48.28 19.36
CA SER C 310 -17.50 49.73 19.47
C SER C 310 -16.96 50.47 18.26
N ASP C 311 -16.27 49.79 17.36
CA ASP C 311 -15.60 50.41 16.22
C ASP C 311 -16.47 50.20 14.99
N GLU C 312 -17.02 51.31 14.46
CA GLU C 312 -17.92 51.20 13.33
C GLU C 312 -17.21 50.71 12.08
N ASN C 313 -15.95 51.13 11.84
CA ASN C 313 -15.28 50.71 10.62
C ASN C 313 -15.22 49.19 10.52
N VAL C 314 -14.79 48.54 11.60
CA VAL C 314 -14.79 47.08 11.64
C VAL C 314 -16.20 46.54 11.42
N ARG C 315 -17.18 47.07 12.18
CA ARG C 315 -18.55 46.57 12.10
C ARG C 315 -19.08 46.64 10.69
N GLN C 316 -18.86 47.76 10.01
CA GLN C 316 -19.31 47.91 8.64
C GLN C 316 -18.67 46.85 7.76
N ASP C 317 -17.33 46.67 7.88
CA ASP C 317 -16.69 45.67 7.04
C ASP C 317 -17.30 44.30 7.25
N PHE C 318 -17.39 43.82 8.51
CA PHE C 318 -18.05 42.54 8.76
C PHE C 318 -19.41 42.46 8.08
N ASN C 319 -20.25 43.49 8.27
CA ASN C 319 -21.59 43.41 7.70
C ASN C 319 -21.58 43.50 6.18
N GLU C 320 -20.50 44.01 5.57
CA GLU C 320 -20.44 44.08 4.11
C GLU C 320 -19.70 42.91 3.47
N THR C 321 -18.88 42.18 4.23
CA THR C 321 -18.15 41.06 3.68
C THR C 321 -18.83 39.72 3.96
N PHE C 322 -19.52 39.58 5.09
CA PHE C 322 -20.28 38.36 5.38
C PHE C 322 -21.77 38.67 5.20
N THR C 323 -22.21 38.62 3.95
CA THR C 323 -23.63 38.74 3.61
C THR C 323 -23.90 37.88 2.39
N TYR C 324 -25.10 37.32 2.31
CA TYR C 324 -25.35 36.20 1.41
C TYR C 324 -26.73 36.27 0.76
N CYS C 325 -26.90 35.46 -0.27
CA CYS C 325 -28.18 35.16 -0.89
C CYS C 325 -28.30 33.65 -1.08
N ASP C 326 -29.54 33.19 -1.29
CA ASP C 326 -29.80 31.76 -1.44
C ASP C 326 -29.13 31.22 -2.70
N ARG C 327 -28.25 30.23 -2.50
CA ARG C 327 -27.64 29.49 -3.60
C ARG C 327 -28.55 28.38 -4.08
N THR C 328 -28.67 28.25 -5.40
CA THR C 328 -29.39 27.13 -6.01
C THR C 328 -28.55 26.55 -7.14
N LYS C 329 -28.71 25.24 -7.36
CA LYS C 329 -27.97 24.54 -8.40
C LYS C 329 -28.89 23.59 -9.14
N ILE C 330 -28.74 23.56 -10.46
CA ILE C 330 -29.47 22.65 -11.34
C ILE C 330 -28.46 21.96 -12.24
N SER C 331 -28.51 20.64 -12.33
CA SER C 331 -27.52 19.89 -13.09
C SER C 331 -28.14 18.65 -13.70
N VAL C 332 -27.57 18.24 -14.84
CA VAL C 332 -28.03 17.06 -15.60
C VAL C 332 -26.80 16.41 -16.22
N GLY C 333 -26.85 15.08 -16.35
CA GLY C 333 -25.70 14.36 -16.91
C GLY C 333 -26.05 12.92 -17.22
N ALA C 334 -25.08 12.24 -17.85
CA ALA C 334 -25.27 10.86 -18.29
C ALA C 334 -23.92 10.19 -18.50
N GLU C 335 -23.93 8.85 -18.51
CA GLU C 335 -22.77 8.07 -18.94
C GLU C 335 -23.25 6.83 -19.70
N TYR C 336 -22.39 6.37 -20.62
CA TYR C 336 -22.73 5.31 -21.56
C TYR C 336 -21.52 4.38 -21.71
N ILE C 337 -21.76 3.08 -21.61
CA ILE C 337 -20.72 2.05 -21.65
C ILE C 337 -21.07 0.98 -22.69
N PRO C 338 -20.58 1.11 -23.93
CA PRO C 338 -21.08 0.26 -25.01
C PRO C 338 -20.41 -1.11 -25.12
N ASN C 339 -21.21 -2.17 -25.08
CA ASN C 339 -20.79 -3.52 -25.45
C ASN C 339 -19.53 -3.95 -24.69
N LEU C 340 -19.64 -3.92 -23.35
CA LEU C 340 -18.48 -4.09 -22.48
C LEU C 340 -17.92 -5.50 -22.46
N ILE C 341 -18.47 -6.45 -23.21
CA ILE C 341 -17.93 -7.81 -23.27
C ILE C 341 -17.17 -8.09 -24.56
N GLY C 342 -17.17 -7.15 -25.50
CA GLY C 342 -16.43 -7.35 -26.73
C GLY C 342 -14.97 -6.98 -26.60
N ARG C 343 -14.13 -7.64 -27.38
CA ARG C 343 -12.68 -7.45 -27.29
C ARG C 343 -12.27 -6.22 -28.11
N SER C 344 -12.44 -5.06 -27.48
CA SER C 344 -11.93 -3.80 -28.01
C SER C 344 -11.95 -2.81 -26.85
N TYR C 345 -10.82 -2.12 -26.63
CA TYR C 345 -10.69 -1.30 -25.43
C TYR C 345 -11.72 -0.17 -25.40
N PHE C 346 -12.07 0.38 -26.56
CA PHE C 346 -13.06 1.45 -26.60
C PHE C 346 -14.47 0.95 -26.28
N ALA C 347 -14.67 -0.35 -26.13
CA ALA C 347 -15.90 -0.88 -25.58
C ALA C 347 -15.90 -0.93 -24.06
N HIS C 348 -14.74 -0.79 -23.42
CA HIS C 348 -14.64 -0.77 -21.97
C HIS C 348 -14.62 0.63 -21.37
N ILE C 349 -14.55 1.67 -22.20
CA ILE C 349 -14.40 3.05 -21.72
C ILE C 349 -15.77 3.64 -21.41
N LYS C 350 -15.93 4.14 -20.19
CA LYS C 350 -17.14 4.87 -19.82
C LYS C 350 -17.10 6.28 -20.40
N TYR C 351 -18.15 6.65 -21.11
CA TYR C 351 -18.24 7.96 -21.76
C TYR C 351 -19.25 8.82 -21.01
N ARG C 352 -18.87 10.05 -20.68
CA ARG C 352 -19.63 10.88 -19.75
C ARG C 352 -19.85 12.28 -20.30
N LEU C 353 -20.99 12.88 -19.93
CA LEU C 353 -21.38 14.22 -20.36
C LEU C 353 -22.25 14.85 -19.29
N GLY C 354 -22.33 16.18 -19.30
CA GLY C 354 -23.16 16.88 -18.33
C GLY C 354 -23.11 18.38 -18.54
N ALA C 355 -23.99 19.07 -17.81
CA ALA C 355 -24.08 20.53 -17.82
C ALA C 355 -24.81 20.98 -16.56
N TYR C 356 -24.55 22.21 -16.12
CA TYR C 356 -25.15 22.68 -14.88
C TYR C 356 -25.27 24.20 -14.87
N TYR C 357 -26.12 24.68 -13.96
CA TYR C 357 -26.48 26.08 -13.76
C TYR C 357 -26.50 26.39 -12.28
N THR C 358 -25.95 27.55 -11.90
CA THR C 358 -25.87 27.92 -10.50
C THR C 358 -26.08 29.42 -10.35
N THR C 359 -26.79 29.81 -9.29
CA THR C 359 -26.80 31.20 -8.84
C THR C 359 -25.93 31.29 -7.59
N PRO C 360 -24.71 31.82 -7.68
CA PRO C 360 -23.84 31.87 -6.51
C PRO C 360 -24.42 32.77 -5.43
N TYR C 361 -23.98 32.53 -4.20
CA TYR C 361 -24.52 33.18 -3.01
C TYR C 361 -23.99 34.59 -2.79
N TYR C 362 -23.26 35.16 -3.75
CA TYR C 362 -22.66 36.47 -3.54
C TYR C 362 -23.69 37.59 -3.60
N LYS C 363 -23.67 38.45 -2.58
CA LYS C 363 -24.40 39.71 -2.57
C LYS C 363 -23.37 40.83 -2.49
N ILE C 364 -23.27 41.63 -3.56
CA ILE C 364 -22.35 42.76 -3.62
C ILE C 364 -23.17 44.01 -3.93
N ASP C 365 -22.94 45.07 -3.16
CA ASP C 365 -23.92 46.14 -2.95
C ASP C 365 -25.16 45.46 -2.37
N GLY C 366 -26.35 45.99 -2.66
CA GLY C 366 -27.55 45.32 -2.20
C GLY C 366 -28.04 44.20 -3.10
N LYS C 367 -27.55 44.15 -4.33
CA LYS C 367 -28.06 43.25 -5.34
C LYS C 367 -27.21 41.98 -5.45
N LYS C 368 -27.77 40.98 -6.13
CA LYS C 368 -27.07 39.73 -6.32
C LYS C 368 -25.96 39.90 -7.35
N ALA C 369 -24.87 39.15 -7.15
CA ALA C 369 -23.63 39.44 -7.86
C ALA C 369 -23.57 38.78 -9.23
N SER C 370 -23.59 37.45 -9.27
CA SER C 370 -23.20 36.73 -10.48
C SER C 370 -24.15 35.59 -10.78
N ARG C 371 -23.92 34.96 -11.92
CA ARG C 371 -24.69 33.83 -12.42
C ARG C 371 -23.77 33.03 -13.33
N GLU C 372 -23.75 31.71 -13.17
CA GLU C 372 -22.73 30.89 -13.81
C GLU C 372 -23.32 29.68 -14.52
N TYR C 373 -22.61 29.24 -15.56
CA TYR C 373 -23.02 28.13 -16.40
C TYR C 373 -21.81 27.21 -16.60
N GLY C 374 -22.08 25.94 -16.88
CA GLY C 374 -21.00 24.98 -17.08
C GLY C 374 -21.41 23.82 -17.95
N VAL C 375 -20.45 23.33 -18.75
CA VAL C 375 -20.61 22.12 -19.55
C VAL C 375 -19.38 21.24 -19.33
N THR C 376 -19.62 19.93 -19.19
CA THR C 376 -18.58 18.99 -18.76
C THR C 376 -18.61 17.73 -19.61
N ALA C 377 -17.44 17.09 -19.72
CA ALA C 377 -17.29 15.84 -20.46
C ALA C 377 -16.05 15.10 -19.94
N GLY C 378 -16.08 13.77 -20.03
CA GLY C 378 -14.97 12.99 -19.50
C GLY C 378 -15.10 11.52 -19.85
N PHE C 379 -14.15 10.73 -19.34
CA PHE C 379 -14.03 9.31 -19.64
C PHE C 379 -13.98 8.49 -18.34
N GLY C 380 -13.83 7.17 -18.51
CA GLY C 380 -13.81 6.22 -17.41
C GLY C 380 -12.80 5.10 -17.54
N LEU C 381 -11.61 5.40 -18.09
CA LEU C 381 -10.58 4.42 -18.47
C LEU C 381 -10.34 3.34 -17.42
N PRO C 382 -10.68 2.10 -17.72
CA PRO C 382 -10.36 0.99 -16.80
C PRO C 382 -8.97 0.43 -17.04
N VAL C 383 -8.37 -0.07 -15.96
CA VAL C 383 -7.12 -0.81 -16.03
C VAL C 383 -7.42 -2.27 -16.34
N PRO C 384 -6.81 -2.87 -17.36
CA PRO C 384 -7.04 -4.29 -17.60
C PRO C 384 -6.49 -5.13 -16.47
N ARG C 385 -7.13 -6.29 -16.28
CA ARG C 385 -6.78 -7.26 -15.23
C ARG C 385 -6.83 -6.64 -13.85
N SER C 386 -7.70 -5.65 -13.70
CA SER C 386 -7.92 -4.97 -12.43
C SER C 386 -9.28 -4.33 -12.50
N ARG C 387 -9.73 -3.78 -11.37
CA ARG C 387 -10.98 -3.05 -11.34
C ARG C 387 -10.75 -1.60 -10.93
N SER C 388 -9.52 -1.11 -11.06
CA SER C 388 -9.21 0.30 -10.88
C SER C 388 -9.65 1.10 -12.10
N ILE C 389 -10.00 2.37 -11.87
CA ILE C 389 -10.54 3.23 -12.90
C ILE C 389 -9.82 4.58 -12.86
N LEU C 390 -9.43 5.07 -14.02
CA LEU C 390 -8.82 6.39 -14.17
C LEU C 390 -9.82 7.29 -14.90
N SER C 391 -10.09 8.47 -14.32
CA SER C 391 -11.30 9.20 -14.64
C SER C 391 -11.04 10.59 -15.22
N ILE C 392 -10.18 10.67 -16.23
CA ILE C 392 -9.84 11.96 -16.85
C ILE C 392 -11.10 12.66 -17.30
N SER C 393 -11.25 13.93 -16.90
CA SER C 393 -12.48 14.68 -17.14
C SER C 393 -12.14 16.15 -17.34
N GLY C 394 -13.01 16.86 -18.08
CA GLY C 394 -12.78 18.26 -18.39
C GLY C 394 -14.05 19.07 -18.23
N GLN C 395 -13.87 20.36 -17.98
CA GLN C 395 -14.97 21.29 -17.71
C GLN C 395 -14.72 22.65 -18.33
N PHE C 396 -15.79 23.28 -18.78
CA PHE C 396 -15.82 24.71 -19.11
C PHE C 396 -16.91 25.38 -18.30
N VAL C 397 -16.56 26.47 -17.61
CA VAL C 397 -17.48 27.20 -16.75
C VAL C 397 -17.34 28.69 -17.04
N ARG C 398 -18.47 29.37 -17.18
CA ARG C 398 -18.52 30.81 -17.40
C ARG C 398 -19.29 31.48 -16.26
N VAL C 399 -18.68 32.48 -15.65
CA VAL C 399 -19.32 33.28 -14.60
C VAL C 399 -19.55 34.68 -15.17
N LYS C 400 -20.80 35.11 -15.19
CA LYS C 400 -21.17 36.42 -15.72
C LYS C 400 -21.58 37.34 -14.59
N GLY C 401 -20.98 38.52 -14.55
CA GLY C 401 -21.37 39.53 -13.57
C GLY C 401 -22.66 40.21 -13.99
N LEU C 402 -23.55 40.40 -13.01
CA LEU C 402 -24.88 40.93 -13.28
C LEU C 402 -24.95 42.45 -13.18
N GLU C 403 -23.84 43.12 -12.85
CA GLU C 403 -23.82 44.56 -12.77
C GLU C 403 -22.52 45.07 -13.39
N THR C 404 -22.55 46.32 -13.86
CA THR C 404 -21.54 46.79 -14.80
C THR C 404 -20.14 46.85 -14.20
N ASN C 405 -20.02 46.98 -12.87
CA ASN C 405 -18.72 47.18 -12.26
C ASN C 405 -18.00 45.88 -11.91
N MET C 406 -18.56 44.74 -12.28
CA MET C 406 -18.03 43.46 -11.83
C MET C 406 -17.47 42.65 -12.98
N VAL C 407 -16.61 41.71 -12.63
CA VAL C 407 -15.79 41.00 -13.61
C VAL C 407 -16.54 39.80 -14.16
N ASN C 408 -16.11 39.34 -15.33
CA ASN C 408 -16.59 38.12 -15.97
C ASN C 408 -15.44 37.13 -16.07
N GLU C 409 -15.77 35.84 -15.95
CA GLU C 409 -14.75 34.80 -15.96
C GLU C 409 -15.11 33.69 -16.94
N ASN C 410 -14.11 33.25 -17.69
CA ASN C 410 -14.17 32.03 -18.49
C ASN C 410 -13.06 31.12 -17.97
N ILE C 411 -13.42 29.99 -17.38
CA ILE C 411 -12.45 29.10 -16.75
C ILE C 411 -12.53 27.72 -17.39
N PHE C 412 -11.36 27.22 -17.81
CA PHE C 412 -11.19 25.89 -18.38
C PHE C 412 -10.49 25.00 -17.35
N ARG C 413 -10.94 23.76 -17.23
CA ARG C 413 -10.40 22.87 -16.20
C ARG C 413 -10.32 21.44 -16.71
N VAL C 414 -9.25 20.75 -16.34
CA VAL C 414 -9.05 19.34 -16.63
C VAL C 414 -8.67 18.63 -15.33
N SER C 415 -9.19 17.42 -15.14
CA SER C 415 -9.07 16.72 -13.87
C SER C 415 -8.58 15.29 -14.07
N ILE C 416 -7.81 14.82 -13.08
CA ILE C 416 -7.32 13.44 -13.03
C ILE C 416 -7.77 12.83 -11.71
N GLY C 417 -8.26 11.60 -11.77
CA GLY C 417 -8.70 10.90 -10.57
C GLY C 417 -8.64 9.39 -10.69
N LEU C 418 -8.02 8.72 -9.73
CA LEU C 418 -7.82 7.28 -9.75
C LEU C 418 -8.63 6.64 -8.64
N THR C 419 -9.51 5.71 -9.01
CA THR C 419 -10.22 4.88 -8.04
C THR C 419 -9.47 3.56 -7.94
N PHE C 420 -8.72 3.39 -6.86
CA PHE C 420 -8.01 2.15 -6.60
C PHE C 420 -8.93 1.16 -5.90
N ASN C 421 -8.80 -0.11 -6.24
CA ASN C 421 -9.83 -1.09 -5.93
C ASN C 421 -9.15 -2.47 -5.92
N GLU C 422 -9.05 -3.09 -4.74
CA GLU C 422 -8.40 -4.39 -4.66
C GLU C 422 -9.16 -5.32 -3.73
N ARG C 423 -9.03 -6.62 -4.01
CA ARG C 423 -9.66 -7.69 -3.26
C ARG C 423 -9.04 -7.77 -1.87
N TRP C 424 -9.78 -7.38 -0.84
CA TRP C 424 -9.19 -6.95 0.43
C TRP C 424 -9.59 -7.83 1.60
N PHE C 425 -10.89 -8.10 1.78
CA PHE C 425 -11.40 -8.82 2.95
C PHE C 425 -11.57 -10.31 2.71
N PHE C 426 -10.79 -10.91 1.82
CA PHE C 426 -10.92 -12.33 1.51
C PHE C 426 -10.30 -13.21 2.58
N LYS C 427 -10.97 -14.33 2.86
CA LYS C 427 -10.48 -15.35 3.79
C LYS C 427 -10.68 -16.73 3.19
N ARG C 428 -9.78 -17.64 3.53
CA ARG C 428 -9.96 -19.07 3.26
C ARG C 428 -10.85 -19.72 4.32
#